data_4QA6
#
_entry.id   4QA6
#
_cell.length_a   51.832
_cell.length_b   85.071
_cell.length_c   94.444
_cell.angle_alpha   90.00
_cell.angle_beta   97.55
_cell.angle_gamma   90.00
#
_symmetry.space_group_name_H-M   'P 1 21 1'
#
loop_
_entity.id
_entity.type
_entity.pdbx_description
1 polymer 'Histone deacetylase 8'
2 polymer 'tetrapeptide substrate'
3 non-polymer 'ZINC ION'
4 non-polymer 'POTASSIUM ION'
5 non-polymer GLYCEROL
6 non-polymer 7-AMINO-4-METHYL-CHROMEN-2-ONE
7 water water
#
loop_
_entity_poly.entity_id
_entity_poly.type
_entity_poly.pdbx_seq_one_letter_code
_entity_poly.pdbx_strand_id
1 'polypeptide(L)'
;MEEPEEPADSGQSLVPVYIYSPEYVSMCDSLAKIPKRASMVHSLIEAYALHKQMRIVKPKVASMEEMATFHTDAYLQHLQ
KVSQEGDDDHPDSIEYGLGYDCPATEGIFDYAAAIGGATITAAQCLIDGMCKVAINWSGGWHHAKKDEASGFCYLNDAVL
GILRLRRKFERILYVDLDLHHGDGVEDAFSFTSKVMTVSLHKFSPGFFPGTGDVSDVGLGKGRYYSVNVPIQDGIQDEKY
YQNCESVLKEVYQAFNPKAVVLQLGADTIAGDPMCSFNMTPVGIGKCLKYILQWQLATLILGGGGFNLANTARCWTYLTG
VILGKTLSSEIPDHEFFTAYGPDYVLEITPSCRPDRNEPHRIQQILNYIKGNLKHVVIEGRGSHHHHHH
;
A,B
2 'polypeptide(L)' (ACE)RH(ALY)(ALY) C,D
#
loop_
_chem_comp.id
_chem_comp.type
_chem_comp.name
_chem_comp.formula
ACE non-polymer 'ACETYL GROUP' 'C2 H4 O'
GOL non-polymer GLYCEROL 'C3 H8 O3'
K non-polymer 'POTASSIUM ION' 'K 1'
MCM non-polymer 7-AMINO-4-METHYL-CHROMEN-2-ONE 'C10 H9 N O2'
ZN non-polymer 'ZINC ION' 'Zn 2'
#
# COMPACT_ATOMS: atom_id res chain seq x y z
N LEU A 14 -5.36 12.53 -37.50
CA LEU A 14 -6.41 12.68 -36.49
C LEU A 14 -6.52 11.43 -35.63
N VAL A 15 -5.74 10.40 -35.97
CA VAL A 15 -5.68 9.18 -35.17
C VAL A 15 -4.73 9.37 -33.99
N PRO A 16 -5.17 8.97 -32.79
CA PRO A 16 -4.36 9.15 -31.57
C PRO A 16 -3.06 8.35 -31.62
N VAL A 17 -2.02 8.90 -30.99
CA VAL A 17 -0.73 8.23 -30.92
C VAL A 17 -0.64 7.36 -29.66
N TYR A 18 -0.09 6.15 -29.83
CA TYR A 18 0.05 5.21 -28.73
C TYR A 18 1.52 4.89 -28.53
N ILE A 19 2.10 5.43 -27.46
CA ILE A 19 3.50 5.21 -27.16
C ILE A 19 3.71 3.77 -26.71
N TYR A 20 4.47 3.01 -27.50
CA TYR A 20 4.71 1.61 -27.19
C TYR A 20 5.92 1.02 -27.91
N SER A 21 6.63 0.15 -27.21
CA SER A 21 7.59 -0.76 -27.79
C SER A 21 7.78 -1.88 -26.78
N PRO A 22 8.01 -3.11 -27.26
CA PRO A 22 8.19 -4.26 -26.36
C PRO A 22 9.31 -4.03 -25.33
N GLU A 23 10.35 -3.31 -25.73
CA GLU A 23 11.45 -3.00 -24.82
C GLU A 23 11.02 -2.01 -23.74
N TYR A 24 10.15 -1.07 -24.12
CA TYR A 24 9.66 -0.06 -23.21
C TYR A 24 8.77 -0.68 -22.12
N VAL A 25 7.89 -1.58 -22.53
CA VAL A 25 7.00 -2.26 -21.60
C VAL A 25 7.77 -3.15 -20.62
N SER A 26 8.76 -3.85 -21.13
CA SER A 26 9.62 -4.70 -20.29
C SER A 26 10.33 -3.86 -19.23
N MET A 27 10.73 -2.67 -19.63
CA MET A 27 11.41 -1.73 -18.75
CA MET A 27 11.41 -1.74 -18.73
C MET A 27 10.47 -1.30 -17.61
N CYS A 28 9.26 -0.90 -17.98
CA CYS A 28 8.27 -0.44 -17.01
C CYS A 28 7.77 -1.55 -16.11
N ASP A 29 7.85 -2.79 -16.59
CA ASP A 29 7.44 -3.96 -15.81
C ASP A 29 8.36 -4.19 -14.61
N SER A 30 9.52 -3.56 -14.62
CA SER A 30 10.55 -3.80 -13.61
C SER A 30 10.36 -2.99 -12.33
N LEU A 31 9.39 -2.08 -12.34
CA LEU A 31 9.07 -1.30 -11.14
C LEU A 31 8.61 -2.23 -10.02
N ALA A 32 9.26 -2.12 -8.87
CA ALA A 32 8.95 -2.97 -7.72
C ALA A 32 7.54 -2.74 -7.20
N LYS A 33 7.06 -1.51 -7.27
CA LYS A 33 5.74 -1.17 -6.73
C LYS A 33 4.60 -1.60 -7.65
N ILE A 34 4.89 -1.78 -8.94
CA ILE A 34 3.88 -2.22 -9.90
C ILE A 34 4.40 -3.25 -10.90
N PRO A 35 4.89 -4.40 -10.41
CA PRO A 35 5.47 -5.39 -11.32
C PRO A 35 4.47 -5.93 -12.34
N LYS A 36 4.89 -5.99 -13.61
CA LYS A 36 4.11 -6.56 -14.71
C LYS A 36 2.87 -5.76 -15.11
N ARG A 37 2.65 -4.61 -14.48
CA ARG A 37 1.45 -3.82 -14.75
C ARG A 37 1.41 -3.30 -16.19
N ALA A 38 2.56 -2.84 -16.69
CA ALA A 38 2.64 -2.31 -18.04
C ALA A 38 2.24 -3.36 -19.09
N SER A 39 2.68 -4.60 -18.88
CA SER A 39 2.34 -5.69 -19.79
C SER A 39 0.85 -5.99 -19.77
N MET A 40 0.27 -6.01 -18.58
CA MET A 40 -1.16 -6.28 -18.44
C MET A 40 -2.00 -5.23 -19.15
N VAL A 41 -1.62 -3.96 -18.98
CA VAL A 41 -2.32 -2.85 -19.62
C VAL A 41 -2.24 -2.97 -21.13
N HIS A 42 -1.02 -3.17 -21.64
CA HIS A 42 -0.82 -3.28 -23.09
C HIS A 42 -1.51 -4.50 -23.68
N SER A 43 -1.39 -5.64 -23.00
CA SER A 43 -1.93 -6.89 -23.53
C SER A 43 -3.46 -6.85 -23.63
N LEU A 44 -4.10 -6.19 -22.68
CA LEU A 44 -5.55 -6.05 -22.70
C LEU A 44 -5.99 -5.11 -23.82
N ILE A 45 -5.25 -4.02 -24.01
CA ILE A 45 -5.50 -3.09 -25.11
C ILE A 45 -5.34 -3.81 -26.44
N GLU A 46 -4.28 -4.59 -26.55
CA GLU A 46 -4.01 -5.38 -27.76
C GLU A 46 -5.09 -6.44 -27.97
N ALA A 47 -5.52 -7.07 -26.88
CA ALA A 47 -6.57 -8.09 -26.94
C ALA A 47 -7.88 -7.50 -27.47
N TYR A 48 -8.13 -6.23 -27.16
CA TYR A 48 -9.30 -5.53 -27.68
C TYR A 48 -9.03 -4.95 -29.06
N ALA A 49 -7.82 -5.21 -29.57
CA ALA A 49 -7.41 -4.76 -30.91
C ALA A 49 -7.48 -3.25 -31.10
N LEU A 50 -7.26 -2.51 -30.02
CA LEU A 50 -7.33 -1.06 -30.06
C LEU A 50 -6.06 -0.46 -30.65
N HIS A 51 -4.96 -1.19 -30.56
CA HIS A 51 -3.68 -0.72 -31.09
C HIS A 51 -3.72 -0.60 -32.62
N LYS A 52 -4.65 -1.32 -33.24
CA LYS A 52 -4.82 -1.25 -34.69
C LYS A 52 -5.54 0.04 -35.11
N GLN A 53 -6.15 0.72 -34.14
CA GLN A 53 -6.86 1.95 -34.41
C GLN A 53 -6.04 3.18 -33.99
N MET A 54 -4.78 2.95 -33.65
CA MET A 54 -3.91 4.02 -33.20
C MET A 54 -2.57 3.98 -33.92
N ARG A 55 -1.87 5.11 -33.93
CA ARG A 55 -0.52 5.15 -34.49
C ARG A 55 0.50 4.80 -33.43
N ILE A 56 1.08 3.60 -33.53
CA ILE A 56 2.08 3.15 -32.57
C ILE A 56 3.40 3.86 -32.80
N VAL A 57 3.86 4.59 -31.79
CA VAL A 57 5.11 5.31 -31.87
C VAL A 57 6.10 4.79 -30.83
N LYS A 58 7.27 4.35 -31.30
CA LYS A 58 8.32 3.90 -30.40
C LYS A 58 8.96 5.10 -29.71
N PRO A 59 9.02 5.07 -28.38
CA PRO A 59 9.56 6.19 -27.62
C PRO A 59 11.08 6.19 -27.60
N LYS A 60 11.68 7.37 -27.55
CA LYS A 60 13.12 7.47 -27.38
CA LYS A 60 13.13 7.49 -27.37
C LYS A 60 13.47 7.64 -25.90
N VAL A 61 14.72 7.33 -25.55
CA VAL A 61 15.17 7.50 -24.18
C VAL A 61 15.54 8.95 -23.94
N ALA A 62 15.15 9.50 -22.80
CA ALA A 62 15.50 10.86 -22.44
C ALA A 62 17.01 10.98 -22.23
N SER A 63 17.61 11.99 -22.85
CA SER A 63 19.02 12.28 -22.64
C SER A 63 19.19 12.98 -21.30
N MET A 64 20.44 13.08 -20.84
CA MET A 64 20.73 13.74 -19.58
C MET A 64 20.27 15.20 -19.61
N GLU A 65 20.52 15.86 -20.74
CA GLU A 65 20.15 17.27 -20.90
C GLU A 65 18.64 17.48 -20.85
N GLU A 66 17.90 16.59 -21.51
CA GLU A 66 16.45 16.66 -21.51
C GLU A 66 15.89 16.50 -20.10
N MET A 67 16.45 15.55 -19.35
CA MET A 67 16.06 15.34 -17.96
C MET A 67 16.47 16.54 -17.11
N ALA A 68 17.54 17.20 -17.51
CA ALA A 68 18.08 18.34 -16.75
C ALA A 68 17.23 19.60 -16.93
N THR A 69 16.24 19.55 -17.79
CA THR A 69 15.34 20.69 -17.99
C THR A 69 14.48 20.93 -16.75
N PHE A 70 14.38 19.92 -15.90
CA PHE A 70 13.66 20.06 -14.64
C PHE A 70 14.50 19.59 -13.44
N HIS A 71 15.05 18.39 -13.54
CA HIS A 71 15.83 17.81 -12.45
C HIS A 71 17.24 18.39 -12.38
N THR A 72 17.73 18.59 -11.15
CA THR A 72 19.07 19.10 -10.93
C THR A 72 20.10 18.05 -11.33
N ASP A 73 21.29 18.49 -11.69
CA ASP A 73 22.35 17.57 -12.09
CA ASP A 73 22.36 17.58 -12.10
C ASP A 73 22.84 16.74 -10.92
N ALA A 74 22.81 17.33 -9.73
CA ALA A 74 23.24 16.62 -8.52
C ALA A 74 22.35 15.42 -8.25
N TYR A 75 21.04 15.59 -8.41
CA TYR A 75 20.11 14.48 -8.22
C TYR A 75 20.26 13.42 -9.30
N LEU A 76 20.28 13.86 -10.56
CA LEU A 76 20.42 12.95 -11.70
C LEU A 76 21.68 12.12 -11.64
N GLN A 77 22.78 12.72 -11.18
CA GLN A 77 24.05 12.01 -11.08
C GLN A 77 24.04 11.01 -9.93
N HIS A 78 23.41 11.39 -8.82
CA HIS A 78 23.26 10.46 -7.70
C HIS A 78 22.37 9.29 -8.10
N LEU A 79 21.28 9.60 -8.80
CA LEU A 79 20.33 8.59 -9.25
C LEU A 79 21.01 7.58 -10.18
N GLN A 80 21.82 8.09 -11.10
CA GLN A 80 22.54 7.24 -12.05
C GLN A 80 23.61 6.42 -11.34
N LYS A 81 24.22 7.01 -10.32
CA LYS A 81 25.28 6.35 -9.57
C LYS A 81 24.79 5.13 -8.80
N VAL A 82 23.72 5.31 -8.03
CA VAL A 82 23.17 4.21 -7.24
C VAL A 82 22.45 3.19 -8.12
N SER A 83 22.09 3.62 -9.33
CA SER A 83 21.40 2.75 -10.28
C SER A 83 22.32 1.68 -10.84
N GLN A 84 23.53 2.09 -11.24
CA GLN A 84 24.50 1.17 -11.80
C GLN A 84 24.98 0.16 -10.75
N GLU A 85 25.05 0.60 -9.51
CA GLU A 85 25.51 -0.24 -8.41
C GLU A 85 24.38 -1.06 -7.81
N GLY A 86 23.19 -0.45 -7.72
CA GLY A 86 22.08 -1.05 -7.00
C GLY A 86 22.24 -0.76 -5.52
N ASP A 87 23.06 0.25 -5.22
CA ASP A 87 23.38 0.61 -3.85
C ASP A 87 22.19 1.22 -3.13
N ASP A 88 21.52 0.41 -2.31
CA ASP A 88 20.36 0.86 -1.56
C ASP A 88 20.76 1.35 -0.17
N ASP A 89 22.06 1.49 0.04
CA ASP A 89 22.58 1.87 1.35
C ASP A 89 23.46 3.11 1.29
N HIS A 90 23.24 3.93 0.27
CA HIS A 90 24.03 5.15 0.11
C HIS A 90 23.61 6.16 1.16
N PRO A 91 24.59 6.83 1.79
CA PRO A 91 24.32 7.80 2.85
C PRO A 91 23.64 9.07 2.36
N ASP A 92 23.58 9.27 1.05
CA ASP A 92 22.97 10.47 0.48
C ASP A 92 21.56 10.21 -0.03
N SER A 93 21.17 8.94 -0.09
CA SER A 93 19.90 8.56 -0.71
C SER A 93 18.67 9.06 0.05
N ILE A 94 18.76 9.13 1.38
CA ILE A 94 17.63 9.58 2.18
C ILE A 94 17.20 11.01 1.85
N GLU A 95 18.17 11.90 1.73
CA GLU A 95 17.88 13.30 1.41
C GLU A 95 17.41 13.47 -0.04
N TYR A 96 17.76 12.50 -0.88
CA TYR A 96 17.32 12.51 -2.27
C TYR A 96 16.00 11.77 -2.48
N GLY A 97 15.40 11.34 -1.37
CA GLY A 97 14.08 10.74 -1.41
C GLY A 97 14.06 9.25 -1.70
N LEU A 98 15.24 8.65 -1.81
CA LEU A 98 15.34 7.22 -2.04
C LEU A 98 15.20 6.45 -0.73
N GLY A 99 14.35 5.44 -0.72
CA GLY A 99 14.11 4.65 0.47
C GLY A 99 13.05 3.60 0.25
N TYR A 100 12.09 3.53 1.18
CA TYR A 100 11.03 2.53 1.12
C TYR A 100 10.14 2.74 -0.11
N ASP A 101 9.60 3.94 -0.26
CA ASP A 101 8.74 4.27 -1.40
C ASP A 101 9.51 4.20 -2.72
N CYS A 102 10.74 4.70 -2.71
CA CYS A 102 11.54 4.74 -3.93
C CYS A 102 12.89 4.06 -3.74
N PRO A 103 12.91 2.73 -3.78
CA PRO A 103 14.15 1.97 -3.58
C PRO A 103 15.14 2.16 -4.73
N ALA A 104 16.43 2.03 -4.43
CA ALA A 104 17.46 2.12 -5.46
C ALA A 104 17.57 0.80 -6.23
N THR A 105 16.57 0.53 -7.06
CA THR A 105 16.55 -0.67 -7.88
C THR A 105 17.67 -0.63 -8.91
N GLU A 106 18.25 -1.78 -9.22
CA GLU A 106 19.30 -1.86 -10.23
C GLU A 106 18.75 -1.44 -11.59
N GLY A 107 19.34 -0.39 -12.17
CA GLY A 107 18.92 0.10 -13.47
C GLY A 107 17.77 1.08 -13.40
N ILE A 108 17.53 1.61 -12.20
CA ILE A 108 16.39 2.51 -11.98
C ILE A 108 16.51 3.81 -12.77
N PHE A 109 17.75 4.22 -13.05
CA PHE A 109 17.98 5.43 -13.83
C PHE A 109 17.60 5.21 -15.29
N ASP A 110 17.94 4.05 -15.83
CA ASP A 110 17.57 3.69 -17.19
C ASP A 110 16.06 3.60 -17.32
N TYR A 111 15.42 3.11 -16.26
CA TYR A 111 13.96 3.00 -16.23
CA TYR A 111 13.96 3.01 -16.22
C TYR A 111 13.33 4.39 -16.32
N ALA A 112 13.78 5.29 -15.45
CA ALA A 112 13.23 6.64 -15.37
C ALA A 112 13.51 7.45 -16.63
N ALA A 113 14.67 7.21 -17.23
CA ALA A 113 15.03 7.90 -18.46
C ALA A 113 14.15 7.44 -19.61
N ALA A 114 13.75 6.17 -19.57
CA ALA A 114 12.88 5.61 -20.59
C ALA A 114 11.47 6.20 -20.51
N ILE A 115 10.95 6.33 -19.29
CA ILE A 115 9.62 6.87 -19.09
C ILE A 115 9.54 8.36 -19.41
N GLY A 116 10.55 9.11 -18.96
CA GLY A 116 10.64 10.52 -19.27
C GLY A 116 10.66 10.76 -20.77
N GLY A 117 11.53 10.03 -21.48
CA GLY A 117 11.63 10.13 -22.91
C GLY A 117 10.35 9.76 -23.64
N ALA A 118 9.60 8.82 -23.06
CA ALA A 118 8.33 8.39 -23.64
C ALA A 118 7.28 9.50 -23.62
N THR A 119 7.25 10.23 -22.52
CA THR A 119 6.30 11.34 -22.38
C THR A 119 6.73 12.52 -23.24
N ILE A 120 8.04 12.75 -23.32
CA ILE A 120 8.59 13.78 -24.19
C ILE A 120 8.27 13.47 -25.66
N THR A 121 8.39 12.20 -26.02
CA THR A 121 8.07 11.75 -27.38
C THR A 121 6.60 12.04 -27.71
N ALA A 122 5.73 11.73 -26.75
CA ALA A 122 4.30 11.99 -26.93
C ALA A 122 4.04 13.48 -27.09
N ALA A 123 4.73 14.29 -26.30
CA ALA A 123 4.61 15.74 -26.38
C ALA A 123 5.08 16.25 -27.74
N GLN A 124 6.16 15.66 -28.25
CA GLN A 124 6.71 16.05 -29.54
C GLN A 124 5.75 15.70 -30.69
N CYS A 125 5.05 14.59 -30.54
CA CYS A 125 4.04 14.18 -31.52
C CYS A 125 2.91 15.20 -31.59
N LEU A 126 2.56 15.77 -30.43
CA LEU A 126 1.51 16.78 -30.37
C LEU A 126 1.97 18.09 -30.98
N ILE A 127 3.25 18.42 -30.78
CA ILE A 127 3.83 19.63 -31.35
C ILE A 127 3.87 19.55 -32.87
N ASP A 128 4.29 18.39 -33.39
CA ASP A 128 4.43 18.19 -34.82
C ASP A 128 3.08 18.04 -35.54
N GLY A 129 1.99 18.12 -34.79
CA GLY A 129 0.67 18.05 -35.36
C GLY A 129 0.31 16.69 -35.92
N MET A 130 1.11 15.69 -35.55
CA MET A 130 0.90 14.32 -36.00
C MET A 130 -0.41 13.76 -35.44
N CYS A 131 -0.83 14.26 -34.28
CA CYS A 131 -2.05 13.80 -33.63
C CYS A 131 -2.64 14.88 -32.74
N LYS A 132 -3.86 14.66 -32.28
CA LYS A 132 -4.50 15.54 -31.31
C LYS A 132 -4.47 14.92 -29.92
N VAL A 133 -4.25 13.61 -29.88
CA VAL A 133 -4.15 12.88 -28.62
C VAL A 133 -2.93 11.97 -28.63
N ALA A 134 -2.10 12.09 -27.60
CA ALA A 134 -0.93 11.22 -27.44
C ALA A 134 -1.01 10.51 -26.10
N ILE A 135 -0.78 9.20 -26.12
CA ILE A 135 -1.00 8.36 -24.94
C ILE A 135 0.26 7.67 -24.43
N ASN A 136 0.56 7.87 -23.15
CA ASN A 136 1.64 7.14 -22.47
C ASN A 136 1.15 6.61 -21.12
N TRP A 137 0.52 5.44 -21.14
CA TRP A 137 -0.07 4.87 -19.94
C TRP A 137 0.95 4.54 -18.85
N SER A 138 2.21 4.36 -19.25
CA SER A 138 3.27 4.04 -18.31
C SER A 138 3.86 5.27 -17.65
N GLY A 139 3.37 6.44 -18.03
CA GLY A 139 3.84 7.69 -17.46
C GLY A 139 2.92 8.22 -16.38
N GLY A 140 3.11 9.48 -16.00
CA GLY A 140 2.26 10.12 -15.02
C GLY A 140 2.83 10.12 -13.61
N TRP A 141 4.15 10.04 -13.51
CA TRP A 141 4.81 9.98 -12.20
C TRP A 141 5.01 11.38 -11.62
N HIS A 142 3.95 11.88 -11.01
CA HIS A 142 3.78 13.29 -10.70
C HIS A 142 4.31 13.75 -9.34
N HIS A 143 4.85 12.84 -8.54
CA HIS A 143 5.33 13.22 -7.20
C HIS A 143 6.78 13.70 -7.19
N ALA A 144 7.56 13.29 -8.19
CA ALA A 144 8.98 13.57 -8.21
C ALA A 144 9.27 15.07 -8.26
N LYS A 145 10.17 15.53 -7.39
CA LYS A 145 10.60 16.91 -7.38
C LYS A 145 11.92 17.03 -8.14
N LYS A 146 12.40 18.27 -8.29
CA LYS A 146 13.61 18.53 -9.07
C LYS A 146 14.84 17.81 -8.52
N ASP A 147 14.88 17.64 -7.20
CA ASP A 147 16.05 17.03 -6.56
C ASP A 147 15.67 15.95 -5.55
N GLU A 148 14.51 15.34 -5.74
CA GLU A 148 14.02 14.34 -4.79
C GLU A 148 13.01 13.38 -5.41
N ALA A 149 13.28 12.09 -5.25
CA ALA A 149 12.31 11.06 -5.62
C ALA A 149 11.22 11.03 -4.55
N SER A 150 9.99 10.69 -4.95
CA SER A 150 8.87 10.67 -4.03
C SER A 150 7.70 9.86 -4.59
N GLY A 151 7.06 9.09 -3.71
CA GLY A 151 5.85 8.37 -4.05
C GLY A 151 5.94 7.51 -5.30
N PHE A 152 6.98 6.68 -5.35
CA PHE A 152 7.22 5.73 -6.45
C PHE A 152 7.66 6.45 -7.73
N CYS A 153 7.89 7.75 -7.64
CA CYS A 153 8.32 8.55 -8.78
C CYS A 153 9.79 8.94 -8.65
N TYR A 154 10.60 8.53 -9.62
CA TYR A 154 12.02 8.86 -9.62
C TYR A 154 12.28 10.06 -10.52
N LEU A 155 11.52 10.15 -11.61
CA LEU A 155 11.63 11.26 -12.54
C LEU A 155 10.24 11.74 -12.90
N ASN A 156 10.04 13.05 -12.93
CA ASN A 156 8.73 13.60 -13.21
C ASN A 156 8.52 13.80 -14.71
N ASP A 157 8.04 12.74 -15.37
CA ASP A 157 7.83 12.78 -16.81
C ASP A 157 6.73 13.76 -17.20
N ALA A 158 5.79 13.98 -16.29
CA ALA A 158 4.70 14.92 -16.54
C ALA A 158 5.26 16.33 -16.73
N VAL A 159 6.11 16.77 -15.82
CA VAL A 159 6.76 18.07 -15.92
C VAL A 159 7.59 18.17 -17.20
N LEU A 160 8.36 17.13 -17.49
CA LEU A 160 9.18 17.08 -18.70
C LEU A 160 8.33 17.24 -19.96
N GLY A 161 7.17 16.59 -19.96
CA GLY A 161 6.25 16.69 -21.08
C GLY A 161 5.68 18.08 -21.23
N ILE A 162 5.35 18.72 -20.11
CA ILE A 162 4.81 20.07 -20.13
C ILE A 162 5.84 21.08 -20.62
N LEU A 163 7.09 20.91 -20.18
CA LEU A 163 8.17 21.79 -20.61
C LEU A 163 8.42 21.67 -22.11
N ARG A 164 8.23 20.47 -22.64
CA ARG A 164 8.38 20.24 -24.08
C ARG A 164 7.25 20.91 -24.84
N LEU A 165 6.03 20.80 -24.31
CA LEU A 165 4.86 21.41 -24.94
C LEU A 165 4.94 22.94 -24.94
N ARG A 166 5.67 23.50 -24.00
CA ARG A 166 5.84 24.94 -23.89
C ARG A 166 6.53 25.55 -25.11
N ARG A 167 7.18 24.71 -25.91
CA ARG A 167 7.83 25.16 -27.13
C ARG A 167 6.81 25.61 -28.17
N LYS A 168 5.62 25.02 -28.11
CA LYS A 168 4.60 25.25 -29.13
C LYS A 168 3.34 25.90 -28.57
N PHE A 169 3.00 25.59 -27.33
CA PHE A 169 1.75 26.06 -26.73
C PHE A 169 1.97 27.08 -25.61
N GLU A 170 1.32 28.23 -25.74
CA GLU A 170 1.50 29.35 -24.81
C GLU A 170 0.97 29.07 -23.41
N ARG A 171 -0.19 28.43 -23.32
CA ARG A 171 -0.77 28.09 -22.03
C ARG A 171 -1.13 26.62 -21.96
N ILE A 172 -0.69 25.95 -20.89
CA ILE A 172 -0.90 24.53 -20.72
C ILE A 172 -1.68 24.22 -19.46
N LEU A 173 -2.74 23.43 -19.59
CA LEU A 173 -3.54 23.01 -18.45
C LEU A 173 -3.18 21.59 -18.04
N TYR A 174 -2.79 21.42 -16.79
CA TYR A 174 -2.50 20.10 -16.24
C TYR A 174 -3.64 19.65 -15.34
N VAL A 175 -4.24 18.52 -15.68
CA VAL A 175 -5.33 17.95 -14.89
C VAL A 175 -4.89 16.61 -14.30
N ASP A 176 -5.07 16.48 -12.99
CA ASP A 176 -4.55 15.33 -12.26
C ASP A 176 -5.69 14.62 -11.52
N LEU A 177 -6.11 13.48 -12.04
CA LEU A 177 -7.23 12.73 -11.46
C LEU A 177 -6.76 11.52 -10.65
N ASP A 178 -5.46 11.47 -10.38
CA ASP A 178 -4.88 10.43 -9.52
C ASP A 178 -5.48 10.54 -8.13
N LEU A 179 -5.41 9.45 -7.36
CA LEU A 179 -5.89 9.47 -5.98
C LEU A 179 -5.12 10.47 -5.13
N HIS A 180 -3.82 10.58 -5.39
CA HIS A 180 -2.94 11.44 -4.60
C HIS A 180 -2.75 12.82 -5.24
N HIS A 181 -2.41 13.79 -4.40
CA HIS A 181 -2.14 15.16 -4.87
C HIS A 181 -0.94 15.19 -5.80
N GLY A 182 -1.09 15.83 -6.95
CA GLY A 182 0.00 15.99 -7.89
C GLY A 182 0.94 17.09 -7.44
N ASP A 183 1.60 16.88 -6.31
CA ASP A 183 2.41 17.92 -5.67
C ASP A 183 3.67 18.27 -6.44
N GLY A 184 4.28 17.27 -7.08
CA GLY A 184 5.51 17.50 -7.81
C GLY A 184 5.31 18.41 -9.01
N VAL A 185 4.22 18.19 -9.73
CA VAL A 185 3.89 19.01 -10.89
C VAL A 185 3.51 20.42 -10.45
N GLU A 186 2.71 20.50 -9.39
CA GLU A 186 2.28 21.79 -8.84
C GLU A 186 3.48 22.62 -8.38
N ASP A 187 4.40 21.99 -7.66
CA ASP A 187 5.59 22.67 -7.17
C ASP A 187 6.47 23.19 -8.31
N ALA A 188 6.53 22.42 -9.40
CA ALA A 188 7.36 22.78 -10.55
C ALA A 188 6.89 24.06 -11.23
N PHE A 189 5.58 24.27 -11.23
CA PHE A 189 5.00 25.42 -11.92
C PHE A 189 4.27 26.36 -10.97
N SER A 190 4.61 26.28 -9.69
CA SER A 190 3.94 27.07 -8.66
C SER A 190 4.08 28.57 -8.87
N PHE A 191 5.18 28.99 -9.51
CA PHE A 191 5.48 30.41 -9.67
C PHE A 191 5.17 30.96 -11.06
N THR A 192 4.53 30.15 -11.91
CA THR A 192 4.25 30.59 -13.27
C THR A 192 2.77 30.57 -13.63
N SER A 193 2.37 31.46 -14.54
CA SER A 193 1.00 31.54 -14.99
C SER A 193 0.86 30.95 -16.39
N LYS A 194 1.96 30.45 -16.94
CA LYS A 194 1.95 29.82 -18.25
C LYS A 194 1.34 28.42 -18.18
N VAL A 195 1.40 27.83 -16.99
CA VAL A 195 0.88 26.47 -16.78
C VAL A 195 -0.02 26.44 -15.56
N MET A 196 -1.26 26.00 -15.72
CA MET A 196 -2.16 25.87 -14.59
C MET A 196 -2.35 24.40 -14.19
N THR A 197 -2.18 24.11 -12.90
CA THR A 197 -2.35 22.75 -12.40
C THR A 197 -3.68 22.59 -11.66
N VAL A 198 -4.40 21.54 -12.00
CA VAL A 198 -5.66 21.22 -11.34
C VAL A 198 -5.61 19.78 -10.84
N SER A 199 -5.66 19.62 -9.51
CA SER A 199 -5.58 18.29 -8.93
C SER A 199 -6.81 17.96 -8.08
N LEU A 200 -7.48 16.87 -8.42
CA LEU A 200 -8.54 16.31 -7.61
C LEU A 200 -7.95 15.11 -6.89
N HIS A 201 -8.05 15.10 -5.56
CA HIS A 201 -7.35 14.08 -4.78
C HIS A 201 -7.92 13.90 -3.40
N LYS A 202 -7.57 12.79 -2.77
CA LYS A 202 -7.90 12.57 -1.37
C LYS A 202 -7.07 13.49 -0.51
N PHE A 203 -7.71 14.24 0.39
CA PHE A 203 -7.00 15.12 1.30
C PHE A 203 -7.42 14.85 2.74
N SER A 204 -6.54 14.20 3.47
CA SER A 204 -6.81 13.80 4.85
C SER A 204 -5.49 13.62 5.58
N PRO A 205 -5.39 14.17 6.80
CA PRO A 205 -4.15 14.13 7.59
C PRO A 205 -3.58 12.73 7.74
N GLY A 206 -2.32 12.56 7.35
CA GLY A 206 -1.68 11.26 7.38
C GLY A 206 -1.70 10.56 6.03
N PHE A 207 -2.43 11.12 5.07
CA PHE A 207 -2.51 10.54 3.74
C PHE A 207 -1.56 11.21 2.76
N PHE A 208 -0.69 10.42 2.14
CA PHE A 208 0.33 10.89 1.21
C PHE A 208 -0.28 11.73 0.08
N PRO A 209 0.36 12.86 -0.28
CA PRO A 209 1.58 13.37 0.35
C PRO A 209 1.32 14.35 1.48
N GLY A 210 0.05 14.60 1.79
CA GLY A 210 -0.30 15.48 2.89
C GLY A 210 -0.55 16.92 2.49
N THR A 211 -0.35 17.23 1.22
CA THR A 211 -0.54 18.58 0.71
C THR A 211 -1.73 18.65 -0.24
N GLY A 212 -2.04 19.85 -0.70
CA GLY A 212 -3.08 20.05 -1.70
C GLY A 212 -4.44 20.42 -1.13
N ASP A 213 -4.45 21.37 -0.19
CA ASP A 213 -5.72 21.89 0.31
C ASP A 213 -6.24 22.91 -0.69
N VAL A 214 -7.52 23.27 -0.57
CA VAL A 214 -8.13 24.22 -1.49
C VAL A 214 -7.50 25.61 -1.34
N SER A 215 -6.84 25.85 -0.22
CA SER A 215 -6.21 27.12 0.06
C SER A 215 -4.86 27.26 -0.65
N ASP A 216 -4.34 26.15 -1.17
CA ASP A 216 -3.09 26.17 -1.91
C ASP A 216 -3.34 26.59 -3.35
N VAL A 217 -2.83 27.77 -3.73
CA VAL A 217 -3.15 28.36 -5.03
C VAL A 217 -1.92 28.78 -5.83
N GLY A 218 -0.73 28.41 -5.35
CA GLY A 218 0.50 28.81 -6.02
C GLY A 218 1.11 30.05 -5.41
N LEU A 219 2.27 30.46 -5.90
CA LEU A 219 3.02 31.57 -5.31
C LEU A 219 3.50 32.58 -6.35
N GLY A 220 3.72 33.82 -5.89
CA GLY A 220 4.27 34.87 -6.73
C GLY A 220 3.40 35.20 -7.93
N LYS A 221 4.01 35.19 -9.12
CA LYS A 221 3.30 35.45 -10.36
C LYS A 221 2.34 34.31 -10.69
N GLY A 222 2.59 33.15 -10.11
CA GLY A 222 1.77 31.97 -10.37
C GLY A 222 0.62 31.81 -9.38
N ARG A 223 0.40 32.83 -8.56
CA ARG A 223 -0.69 32.80 -7.60
C ARG A 223 -2.05 32.68 -8.31
N TYR A 224 -2.91 31.82 -7.76
CA TYR A 224 -4.22 31.49 -8.34
C TYR A 224 -4.13 30.62 -9.60
N TYR A 225 -2.92 30.23 -9.98
CA TYR A 225 -2.74 29.36 -11.13
C TYR A 225 -2.44 27.92 -10.71
N SER A 226 -2.77 27.61 -9.46
CA SER A 226 -2.79 26.25 -8.95
C SER A 226 -4.14 25.98 -8.34
N VAL A 227 -4.79 24.89 -8.75
CA VAL A 227 -6.12 24.56 -8.24
C VAL A 227 -6.11 23.20 -7.57
N ASN A 228 -6.63 23.15 -6.34
CA ASN A 228 -6.74 21.89 -5.60
C ASN A 228 -8.16 21.60 -5.13
N VAL A 229 -8.62 20.38 -5.40
CA VAL A 229 -9.94 19.95 -4.98
C VAL A 229 -9.82 18.80 -3.99
N PRO A 230 -9.77 19.12 -2.69
CA PRO A 230 -9.69 18.10 -1.64
C PRO A 230 -10.97 17.26 -1.57
N ILE A 231 -10.81 15.94 -1.59
CA ILE A 231 -11.95 15.03 -1.58
C ILE A 231 -11.77 13.98 -0.49
N GLN A 232 -12.87 13.49 0.07
CA GLN A 232 -12.84 12.47 1.12
C GLN A 232 -13.13 11.07 0.58
N ASP A 233 -12.99 10.07 1.45
CA ASP A 233 -13.20 8.67 1.07
C ASP A 233 -14.61 8.39 0.55
N GLY A 234 -14.71 7.39 -0.32
CA GLY A 234 -15.99 6.84 -0.72
C GLY A 234 -16.72 7.55 -1.84
N ILE A 235 -16.06 8.51 -2.48
CA ILE A 235 -16.70 9.24 -3.58
C ILE A 235 -16.94 8.33 -4.78
N GLN A 236 -18.10 8.46 -5.41
CA GLN A 236 -18.44 7.64 -6.56
C GLN A 236 -18.59 8.46 -7.84
N ASP A 237 -18.90 7.78 -8.94
CA ASP A 237 -18.89 8.38 -10.29
C ASP A 237 -19.63 9.70 -10.43
N GLU A 238 -20.90 9.71 -10.05
CA GLU A 238 -21.74 10.90 -10.27
C GLU A 238 -21.26 12.15 -9.52
N LYS A 239 -21.06 12.03 -8.21
CA LYS A 239 -20.58 13.16 -7.42
C LYS A 239 -19.22 13.65 -7.91
N TYR A 240 -18.33 12.71 -8.23
CA TYR A 240 -17.00 13.06 -8.70
C TYR A 240 -17.05 13.82 -10.02
N TYR A 241 -17.83 13.33 -10.97
CA TYR A 241 -17.90 13.98 -12.28
C TYR A 241 -18.50 15.38 -12.21
N GLN A 242 -19.61 15.52 -11.49
CA GLN A 242 -20.27 16.82 -11.36
C GLN A 242 -19.35 17.81 -10.67
N ASN A 243 -18.57 17.31 -9.72
CA ASN A 243 -17.57 18.13 -9.04
C ASN A 243 -16.43 18.48 -9.99
N CYS A 244 -16.03 17.51 -10.81
CA CYS A 244 -14.95 17.70 -11.76
C CYS A 244 -15.35 18.62 -12.92
N GLU A 245 -16.57 18.43 -13.41
CA GLU A 245 -17.06 19.24 -14.53
C GLU A 245 -17.17 20.71 -14.15
N SER A 246 -17.71 20.98 -12.96
N SER A 246 -17.72 20.99 -12.97
CA SER A 246 -17.90 22.35 -12.49
CA SER A 246 -17.90 22.36 -12.51
C SER A 246 -16.58 23.09 -12.36
C SER A 246 -16.57 23.10 -12.37
N VAL A 247 -15.57 22.40 -11.85
CA VAL A 247 -14.25 22.99 -11.70
C VAL A 247 -13.59 23.22 -13.05
N LEU A 248 -13.60 22.20 -13.90
CA LEU A 248 -12.99 22.29 -15.22
C LEU A 248 -13.67 23.33 -16.10
N LYS A 249 -14.97 23.51 -15.92
CA LYS A 249 -15.72 24.50 -16.69
C LYS A 249 -15.24 25.91 -16.36
N GLU A 250 -15.09 26.20 -15.07
CA GLU A 250 -14.61 27.50 -14.63
C GLU A 250 -13.16 27.71 -15.04
N VAL A 251 -12.35 26.67 -14.91
CA VAL A 251 -10.94 26.72 -15.26
C VAL A 251 -10.72 27.02 -16.75
N TYR A 252 -11.48 26.33 -17.60
CA TYR A 252 -11.36 26.51 -19.04
C TYR A 252 -11.71 27.93 -19.47
N GLN A 253 -12.77 28.48 -18.88
CA GLN A 253 -13.20 29.84 -19.18
C GLN A 253 -12.12 30.87 -18.82
N ALA A 254 -11.56 30.72 -17.62
CA ALA A 254 -10.62 31.71 -17.08
C ALA A 254 -9.22 31.59 -17.65
N PHE A 255 -8.74 30.36 -17.80
CA PHE A 255 -7.35 30.12 -18.20
C PHE A 255 -7.17 30.06 -19.72
N ASN A 256 -8.19 29.54 -20.41
CA ASN A 256 -8.14 29.39 -21.87
C ASN A 256 -6.89 28.67 -22.36
N PRO A 257 -6.75 27.38 -22.01
CA PRO A 257 -5.54 26.63 -22.36
C PRO A 257 -5.44 26.34 -23.86
N LYS A 258 -4.22 26.13 -24.34
CA LYS A 258 -3.99 25.75 -25.73
C LYS A 258 -3.61 24.27 -25.82
N ALA A 259 -3.21 23.69 -24.71
CA ALA A 259 -2.87 22.28 -24.64
C ALA A 259 -3.17 21.72 -23.26
N VAL A 260 -3.47 20.41 -23.21
CA VAL A 260 -3.85 19.76 -21.96
C VAL A 260 -2.98 18.55 -21.67
N VAL A 261 -2.55 18.43 -20.42
CA VAL A 261 -1.88 17.21 -19.96
C VAL A 261 -2.72 16.55 -18.89
N LEU A 262 -3.16 15.33 -19.16
CA LEU A 262 -4.12 14.66 -18.29
C LEU A 262 -3.56 13.40 -17.63
N GLN A 263 -3.43 13.45 -16.30
CA GLN A 263 -2.96 12.32 -15.51
C GLN A 263 -4.17 11.53 -15.02
N LEU A 264 -4.18 10.23 -15.30
CA LEU A 264 -5.35 9.39 -15.01
C LEU A 264 -5.02 8.19 -14.15
N GLY A 265 -4.33 8.43 -13.04
CA GLY A 265 -4.00 7.37 -12.09
C GLY A 265 -5.23 6.60 -11.66
N ALA A 266 -5.16 5.27 -11.75
CA ALA A 266 -6.31 4.42 -11.50
C ALA A 266 -6.40 3.92 -10.06
N ASP A 267 -5.70 4.59 -9.14
CA ASP A 267 -5.79 4.22 -7.74
C ASP A 267 -7.03 4.79 -7.05
N THR A 268 -7.90 5.44 -7.84
CA THR A 268 -9.17 5.94 -7.35
C THR A 268 -10.26 4.90 -7.54
N ILE A 269 -9.93 3.86 -8.30
CA ILE A 269 -10.92 2.87 -8.73
C ILE A 269 -11.22 1.84 -7.66
N ALA A 270 -12.50 1.55 -7.47
CA ALA A 270 -12.94 0.51 -6.53
C ALA A 270 -12.19 -0.80 -6.79
N GLY A 271 -11.73 -1.42 -5.71
CA GLY A 271 -10.96 -2.64 -5.82
C GLY A 271 -9.48 -2.41 -5.58
N ASP A 272 -9.05 -1.15 -5.64
CA ASP A 272 -7.67 -0.80 -5.33
C ASP A 272 -7.41 -1.08 -3.86
N PRO A 273 -6.27 -1.69 -3.55
CA PRO A 273 -5.92 -2.03 -2.16
C PRO A 273 -5.88 -0.81 -1.24
N MET A 274 -5.66 0.37 -1.81
CA MET A 274 -5.64 1.60 -1.00
C MET A 274 -7.04 1.94 -0.49
N CYS A 275 -8.05 1.44 -1.19
CA CYS A 275 -9.44 1.44 -0.71
C CYS A 275 -9.91 2.79 -0.17
N SER A 276 -9.70 3.84 -0.96
CA SER A 276 -10.09 5.19 -0.53
C SER A 276 -11.30 5.70 -1.30
N PHE A 277 -11.08 6.05 -2.56
CA PHE A 277 -12.20 6.44 -3.43
C PHE A 277 -12.98 5.19 -3.84
N ASN A 278 -14.11 5.40 -4.51
CA ASN A 278 -14.97 4.30 -4.92
C ASN A 278 -15.45 4.52 -6.35
N MET A 279 -14.49 4.83 -7.23
CA MET A 279 -14.79 5.17 -8.62
C MET A 279 -14.81 3.95 -9.54
N THR A 280 -15.46 4.11 -10.68
CA THR A 280 -15.36 3.16 -11.77
C THR A 280 -14.78 3.91 -12.97
N PRO A 281 -14.20 3.18 -13.95
CA PRO A 281 -13.66 3.81 -15.15
C PRO A 281 -14.67 4.66 -15.92
N VAL A 282 -15.96 4.38 -15.75
CA VAL A 282 -16.99 5.14 -16.45
C VAL A 282 -17.02 6.60 -15.95
N GLY A 283 -16.91 6.77 -14.64
CA GLY A 283 -16.88 8.10 -14.05
C GLY A 283 -15.68 8.90 -14.52
N ILE A 284 -14.52 8.26 -14.52
CA ILE A 284 -13.29 8.88 -15.01
C ILE A 284 -13.43 9.17 -16.50
N GLY A 285 -14.08 8.25 -17.21
CA GLY A 285 -14.33 8.40 -18.64
C GLY A 285 -15.10 9.66 -18.97
N LYS A 286 -16.08 9.99 -18.13
CA LYS A 286 -16.89 11.20 -18.35
C LYS A 286 -16.05 12.46 -18.20
N CYS A 287 -15.14 12.45 -17.23
CA CYS A 287 -14.19 13.55 -17.06
C CYS A 287 -13.30 13.65 -18.28
N LEU A 288 -12.86 12.50 -18.78
CA LEU A 288 -12.04 12.44 -19.98
C LEU A 288 -12.78 12.99 -21.19
N LYS A 289 -14.03 12.57 -21.36
CA LYS A 289 -14.85 13.02 -22.49
C LYS A 289 -15.06 14.54 -22.48
N TYR A 290 -15.20 15.10 -21.29
CA TYR A 290 -15.40 16.54 -21.15
C TYR A 290 -14.17 17.31 -21.62
N ILE A 291 -13.00 16.77 -21.30
CA ILE A 291 -11.74 17.38 -21.68
C ILE A 291 -11.49 17.23 -23.18
N LEU A 292 -11.77 16.03 -23.72
CA LEU A 292 -11.59 15.77 -25.14
C LEU A 292 -12.50 16.66 -26.00
N GLN A 293 -13.65 17.02 -25.42
CA GLN A 293 -14.62 17.89 -26.09
C GLN A 293 -14.00 19.25 -26.46
N TRP A 294 -13.02 19.69 -25.68
CA TRP A 294 -12.32 20.94 -25.95
C TRP A 294 -11.55 20.92 -27.27
N GLN A 295 -11.26 19.71 -27.76
CA GLN A 295 -10.54 19.50 -29.01
C GLN A 295 -9.17 20.19 -29.02
N LEU A 296 -8.45 20.08 -27.90
CA LEU A 296 -7.11 20.62 -27.80
C LEU A 296 -6.09 19.49 -27.87
N ALA A 297 -4.83 19.86 -28.10
CA ALA A 297 -3.75 18.87 -28.06
C ALA A 297 -3.66 18.31 -26.65
N THR A 298 -3.85 17.00 -26.52
CA THR A 298 -3.96 16.38 -25.21
C THR A 298 -2.99 15.21 -25.01
N LEU A 299 -2.18 15.31 -23.96
CA LEU A 299 -1.25 14.25 -23.59
C LEU A 299 -1.81 13.42 -22.43
N ILE A 300 -2.04 12.14 -22.70
CA ILE A 300 -2.66 11.25 -21.73
C ILE A 300 -1.63 10.43 -20.96
N LEU A 301 -1.67 10.51 -19.64
CA LEU A 301 -0.74 9.77 -18.80
C LEU A 301 -1.47 8.87 -17.81
N GLY A 302 -0.82 7.78 -17.41
CA GLY A 302 -1.33 6.93 -16.35
C GLY A 302 -0.90 7.48 -15.00
N GLY A 303 -0.40 6.59 -14.15
CA GLY A 303 0.05 6.98 -12.82
C GLY A 303 -0.14 5.87 -11.81
N GLY A 304 -0.85 6.17 -10.73
CA GLY A 304 -1.13 5.18 -9.70
C GLY A 304 -2.10 4.11 -10.17
N GLY A 305 -2.27 3.08 -9.37
CA GLY A 305 -3.13 1.96 -9.71
C GLY A 305 -2.49 0.67 -9.23
N PHE A 306 -3.03 0.10 -8.16
CA PHE A 306 -2.35 -0.99 -7.47
C PHE A 306 -3.20 -2.25 -7.38
N ASN A 307 -4.36 -2.21 -8.03
CA ASN A 307 -5.04 -3.42 -8.46
C ASN A 307 -4.74 -3.51 -9.95
N LEU A 308 -3.78 -4.36 -10.30
CA LEU A 308 -3.23 -4.37 -11.65
C LEU A 308 -4.27 -4.68 -12.72
N ALA A 309 -5.07 -5.71 -12.49
CA ALA A 309 -6.12 -6.08 -13.43
C ALA A 309 -7.15 -4.97 -13.60
N ASN A 310 -7.53 -4.33 -12.50
CA ASN A 310 -8.46 -3.21 -12.54
C ASN A 310 -7.88 -2.01 -13.28
N THR A 311 -6.59 -1.75 -13.06
CA THR A 311 -5.92 -0.64 -13.73
C THR A 311 -5.90 -0.88 -15.23
N ALA A 312 -5.67 -2.12 -15.63
CA ALA A 312 -5.73 -2.50 -17.03
C ALA A 312 -7.13 -2.31 -17.57
N ARG A 313 -8.13 -2.75 -16.79
CA ARG A 313 -9.53 -2.56 -17.15
C ARG A 313 -9.84 -1.09 -17.41
N CYS A 314 -9.37 -0.24 -16.49
CA CYS A 314 -9.65 1.19 -16.56
C CYS A 314 -9.02 1.85 -17.78
N TRP A 315 -7.71 1.67 -17.94
CA TRP A 315 -6.98 2.33 -19.02
C TRP A 315 -7.34 1.78 -20.40
N THR A 316 -7.77 0.52 -20.45
CA THR A 316 -8.26 -0.04 -21.70
C THR A 316 -9.59 0.60 -22.08
N TYR A 317 -10.49 0.70 -21.09
CA TYR A 317 -11.77 1.36 -21.29
C TYR A 317 -11.59 2.82 -21.70
N LEU A 318 -10.65 3.50 -21.05
CA LEU A 318 -10.37 4.90 -21.36
C LEU A 318 -9.79 5.05 -22.77
N THR A 319 -9.01 4.07 -23.19
CA THR A 319 -8.47 4.04 -24.55
C THR A 319 -9.62 3.96 -25.55
N GLY A 320 -10.62 3.15 -25.22
CA GLY A 320 -11.80 3.02 -26.04
C GLY A 320 -12.59 4.31 -26.11
N VAL A 321 -12.60 5.05 -25.00
CA VAL A 321 -13.25 6.35 -24.93
C VAL A 321 -12.60 7.33 -25.88
N ILE A 322 -11.27 7.36 -25.87
CA ILE A 322 -10.50 8.21 -26.77
C ILE A 322 -10.79 7.84 -28.23
N LEU A 323 -10.92 6.55 -28.48
CA LEU A 323 -11.19 6.05 -29.83
C LEU A 323 -12.67 6.12 -30.20
N GLY A 324 -13.51 6.50 -29.24
CA GLY A 324 -14.94 6.60 -29.45
C GLY A 324 -15.57 5.27 -29.77
N LYS A 325 -15.07 4.20 -29.16
CA LYS A 325 -15.57 2.86 -29.39
C LYS A 325 -16.21 2.27 -28.15
N THR A 326 -17.21 1.42 -28.34
CA THR A 326 -17.83 0.71 -27.23
C THR A 326 -17.26 -0.70 -27.16
N LEU A 327 -16.52 -0.97 -26.09
CA LEU A 327 -15.84 -2.26 -25.95
C LEU A 327 -16.77 -3.34 -25.42
N SER A 328 -16.51 -4.58 -25.82
CA SER A 328 -17.27 -5.72 -25.33
C SER A 328 -17.12 -5.85 -23.82
N SER A 329 -18.21 -6.20 -23.14
CA SER A 329 -18.22 -6.34 -21.70
C SER A 329 -17.36 -7.52 -21.23
N GLU A 330 -17.19 -8.51 -22.11
CA GLU A 330 -16.45 -9.71 -21.76
C GLU A 330 -14.96 -9.56 -22.07
N ILE A 331 -14.12 -9.83 -21.07
CA ILE A 331 -12.68 -9.79 -21.26
C ILE A 331 -12.26 -10.86 -22.27
N PRO A 332 -11.66 -10.43 -23.39
CA PRO A 332 -11.20 -11.37 -24.42
C PRO A 332 -10.02 -12.18 -23.91
N ASP A 333 -9.87 -13.40 -24.41
CA ASP A 333 -8.76 -14.26 -23.99
C ASP A 333 -7.43 -13.63 -24.39
N HIS A 334 -6.48 -13.66 -23.48
CA HIS A 334 -5.14 -13.14 -23.72
C HIS A 334 -4.18 -13.70 -22.68
N GLU A 335 -2.96 -13.18 -22.68
CA GLU A 335 -1.90 -13.68 -21.80
C GLU A 335 -2.30 -13.71 -20.33
N PHE A 336 -2.96 -12.65 -19.88
CA PHE A 336 -3.29 -12.50 -18.45
C PHE A 336 -4.76 -12.71 -18.14
N PHE A 337 -5.44 -13.51 -18.97
CA PHE A 337 -6.88 -13.71 -18.83
C PHE A 337 -7.30 -14.24 -17.46
N THR A 338 -6.51 -15.14 -16.89
CA THR A 338 -6.85 -15.77 -15.62
C THR A 338 -6.82 -14.79 -14.45
N ALA A 339 -6.17 -13.64 -14.64
CA ALA A 339 -6.06 -12.64 -13.60
C ALA A 339 -7.33 -11.79 -13.47
N TYR A 340 -8.31 -12.07 -14.32
CA TYR A 340 -9.52 -11.25 -14.37
C TYR A 340 -10.73 -11.92 -13.74
N GLY A 341 -10.50 -13.01 -13.02
CA GLY A 341 -11.57 -13.68 -12.30
C GLY A 341 -12.06 -12.85 -11.13
N PRO A 342 -13.21 -13.24 -10.53
CA PRO A 342 -13.97 -14.43 -10.93
C PRO A 342 -15.03 -14.16 -12.00
N ASP A 343 -15.20 -12.90 -12.39
CA ASP A 343 -16.28 -12.54 -13.31
C ASP A 343 -15.82 -12.35 -14.76
N TYR A 344 -14.57 -11.97 -14.95
CA TYR A 344 -13.97 -11.83 -16.27
C TYR A 344 -14.70 -10.82 -17.16
N VAL A 345 -15.15 -9.72 -16.56
CA VAL A 345 -15.80 -8.66 -17.32
C VAL A 345 -15.02 -7.35 -17.22
N LEU A 346 -15.28 -6.44 -18.15
CA LEU A 346 -14.57 -5.17 -18.20
C LEU A 346 -15.06 -4.20 -17.13
N GLU A 347 -16.36 -4.24 -16.85
CA GLU A 347 -16.98 -3.33 -15.90
C GLU A 347 -16.55 -3.60 -14.46
N ILE A 348 -16.44 -2.53 -13.68
CA ILE A 348 -16.06 -2.64 -12.28
C ILE A 348 -17.19 -2.17 -11.38
N THR A 349 -17.49 -2.95 -10.34
CA THR A 349 -18.57 -2.63 -9.41
C THR A 349 -18.04 -1.92 -8.17
N PRO A 350 -18.66 -0.76 -7.84
CA PRO A 350 -18.26 0.00 -6.64
C PRO A 350 -18.47 -0.81 -5.37
N SER A 351 -17.69 -0.52 -4.34
CA SER A 351 -17.84 -1.21 -3.05
C SER A 351 -19.02 -0.65 -2.29
N CYS A 352 -19.55 -1.44 -1.36
CA CYS A 352 -20.68 -1.02 -0.54
C CYS A 352 -20.23 -0.30 0.73
N ARG A 353 -19.61 0.86 0.57
CA ARG A 353 -19.22 1.68 1.71
C ARG A 353 -19.64 3.14 1.49
N PRO A 354 -19.89 3.88 2.59
CA PRO A 354 -20.46 5.22 2.47
C PRO A 354 -19.53 6.24 1.80
N ASP A 355 -20.13 7.30 1.27
CA ASP A 355 -19.40 8.43 0.73
C ASP A 355 -19.23 9.47 1.84
N ARG A 356 -17.99 9.70 2.25
CA ARG A 356 -17.71 10.60 3.37
C ARG A 356 -17.71 12.07 2.95
N ASN A 357 -18.16 12.35 1.73
CA ASN A 357 -18.19 13.72 1.22
C ASN A 357 -19.55 14.39 1.40
N GLU A 358 -19.60 15.37 2.29
CA GLU A 358 -20.82 16.13 2.52
C GLU A 358 -21.05 17.12 1.38
N PRO A 359 -22.24 17.09 0.78
CA PRO A 359 -22.60 17.92 -0.38
C PRO A 359 -22.38 19.42 -0.14
N HIS A 360 -22.56 19.87 1.09
CA HIS A 360 -22.39 21.30 1.39
C HIS A 360 -20.92 21.69 1.41
N ARG A 361 -20.06 20.75 1.80
CA ARG A 361 -18.62 20.99 1.80
C ARG A 361 -18.08 21.02 0.38
N ILE A 362 -18.62 20.15 -0.48
CA ILE A 362 -18.24 20.10 -1.88
C ILE A 362 -18.57 21.40 -2.59
N GLN A 363 -19.79 21.90 -2.35
CA GLN A 363 -20.23 23.17 -2.92
C GLN A 363 -19.39 24.32 -2.35
N GLN A 364 -19.02 24.20 -1.08
CA GLN A 364 -18.20 25.19 -0.41
C GLN A 364 -16.83 25.30 -1.05
N ILE A 365 -16.21 24.15 -1.30
CA ILE A 365 -14.90 24.09 -1.95
C ILE A 365 -14.97 24.68 -3.36
N LEU A 366 -16.05 24.36 -4.07
CA LEU A 366 -16.25 24.83 -5.44
C LEU A 366 -16.36 26.35 -5.49
N ASN A 367 -17.09 26.93 -4.54
CA ASN A 367 -17.24 28.38 -4.47
C ASN A 367 -15.92 29.07 -4.15
N TYR A 368 -15.11 28.43 -3.33
CA TYR A 368 -13.80 28.95 -2.98
C TYR A 368 -12.91 29.01 -4.22
N ILE A 369 -13.00 27.97 -5.05
CA ILE A 369 -12.23 27.88 -6.28
C ILE A 369 -12.69 28.95 -7.29
N LYS A 370 -14.00 29.12 -7.40
CA LYS A 370 -14.57 30.16 -8.26
C LYS A 370 -14.07 31.54 -7.85
N GLY A 371 -13.95 31.75 -6.54
CA GLY A 371 -13.43 33.00 -6.02
C GLY A 371 -11.98 33.22 -6.44
N ASN A 372 -11.19 32.15 -6.42
CA ASN A 372 -9.79 32.21 -6.80
C ASN A 372 -9.60 32.48 -8.30
N LEU A 373 -10.45 31.86 -9.11
CA LEU A 373 -10.32 31.94 -10.56
C LEU A 373 -10.71 33.30 -11.13
N LYS A 374 -11.36 34.13 -10.31
CA LYS A 374 -11.73 35.47 -10.75
C LYS A 374 -10.49 36.35 -10.90
N HIS A 375 -9.42 35.96 -10.22
CA HIS A 375 -8.15 36.69 -10.30
C HIS A 375 -7.35 36.27 -11.53
N VAL A 376 -7.81 35.21 -12.20
CA VAL A 376 -7.13 34.69 -13.37
C VAL A 376 -7.59 35.41 -14.64
N VAL A 377 -6.80 36.38 -15.09
CA VAL A 377 -7.14 37.15 -16.28
C VAL A 377 -5.93 37.32 -17.18
N LEU B 14 11.12 -16.80 33.50
CA LEU B 14 12.02 -15.73 33.94
C LEU B 14 12.17 -14.65 32.89
N VAL B 15 13.39 -14.46 32.39
CA VAL B 15 13.64 -13.45 31.36
C VAL B 15 13.07 -13.87 30.01
N PRO B 16 12.47 -12.92 29.28
CA PRO B 16 11.86 -13.20 27.97
C PRO B 16 12.89 -13.73 26.96
N VAL B 17 12.44 -14.66 26.12
CA VAL B 17 13.27 -15.16 25.04
C VAL B 17 13.15 -14.25 23.81
N TYR B 18 14.29 -13.93 23.22
CA TYR B 18 14.34 -13.05 22.06
C TYR B 18 14.92 -13.81 20.88
N ILE B 19 14.06 -14.26 19.97
CA ILE B 19 14.49 -15.01 18.81
C ILE B 19 15.28 -14.12 17.86
N TYR B 20 16.56 -14.42 17.69
CA TYR B 20 17.44 -13.60 16.86
C TYR B 20 18.72 -14.31 16.42
N SER B 21 19.14 -13.98 15.20
CA SER B 21 20.49 -14.26 14.72
C SER B 21 20.70 -13.34 13.52
N PRO B 22 21.93 -12.86 13.32
CA PRO B 22 22.20 -11.94 12.23
C PRO B 22 21.80 -12.49 10.86
N GLU B 23 21.89 -13.81 10.69
CA GLU B 23 21.48 -14.44 9.44
C GLU B 23 19.97 -14.41 9.28
N TYR B 24 19.27 -14.60 10.39
CA TYR B 24 17.81 -14.60 10.39
C TYR B 24 17.27 -13.21 10.03
N VAL B 25 17.91 -12.18 10.58
CA VAL B 25 17.53 -10.80 10.28
C VAL B 25 17.78 -10.45 8.82
N SER B 26 18.93 -10.90 8.29
CA SER B 26 19.28 -10.66 6.89
C SER B 26 18.27 -11.31 5.94
N MET B 27 17.79 -12.49 6.29
CA MET B 27 16.79 -13.17 5.46
CA MET B 27 16.79 -13.16 5.45
C MET B 27 15.46 -12.41 5.48
N CYS B 28 15.04 -12.01 6.68
CA CYS B 28 13.79 -11.27 6.85
C CYS B 28 13.84 -9.91 6.18
N ASP B 29 15.04 -9.37 6.01
CA ASP B 29 15.22 -8.08 5.34
C ASP B 29 14.91 -8.15 3.85
N SER B 30 14.84 -9.38 3.33
CA SER B 30 14.67 -9.58 1.88
C SER B 30 13.21 -9.65 1.46
N LEU B 31 12.30 -9.56 2.42
CA LEU B 31 10.87 -9.55 2.12
C LEU B 31 10.53 -8.34 1.24
N ALA B 32 9.85 -8.63 0.14
CA ALA B 32 9.60 -7.65 -0.92
C ALA B 32 8.88 -6.38 -0.46
N LYS B 33 7.91 -6.54 0.42
CA LYS B 33 7.06 -5.42 0.83
C LYS B 33 7.60 -4.66 2.06
N ILE B 34 8.61 -5.22 2.70
CA ILE B 34 9.20 -4.58 3.89
C ILE B 34 10.72 -4.69 3.97
N PRO B 35 11.43 -4.25 2.93
CA PRO B 35 12.89 -4.41 2.95
C PRO B 35 13.56 -3.64 4.10
N LYS B 36 14.56 -4.27 4.71
CA LYS B 36 15.35 -3.68 5.80
C LYS B 36 14.63 -3.50 7.13
N ARG B 37 13.32 -3.79 7.15
CA ARG B 37 12.53 -3.56 8.35
C ARG B 37 13.04 -4.36 9.54
N ALA B 38 13.41 -5.61 9.29
CA ALA B 38 13.88 -6.49 10.36
C ALA B 38 15.15 -5.95 11.03
N SER B 39 16.06 -5.41 10.23
CA SER B 39 17.28 -4.82 10.75
C SER B 39 16.97 -3.58 11.58
N MET B 40 16.05 -2.75 11.07
CA MET B 40 15.67 -1.52 11.75
C MET B 40 15.05 -1.81 13.11
N VAL B 41 14.21 -2.84 13.18
CA VAL B 41 13.59 -3.24 14.42
C VAL B 41 14.64 -3.72 15.42
N HIS B 42 15.50 -4.63 14.97
CA HIS B 42 16.54 -5.17 15.83
C HIS B 42 17.55 -4.10 16.24
N SER B 43 17.92 -3.23 15.31
CA SER B 43 18.91 -2.19 15.58
C SER B 43 18.44 -1.23 16.67
N LEU B 44 17.17 -0.83 16.61
CA LEU B 44 16.61 0.06 17.60
C LEU B 44 16.50 -0.60 18.97
N ILE B 45 16.08 -1.87 18.98
CA ILE B 45 16.03 -2.66 20.19
C ILE B 45 17.42 -2.77 20.82
N GLU B 46 18.41 -3.07 19.98
CA GLU B 46 19.79 -3.18 20.39
C GLU B 46 20.34 -1.83 20.88
N ALA B 47 19.90 -0.75 20.23
CA ALA B 47 20.35 0.60 20.60
C ALA B 47 19.84 1.03 21.96
N TYR B 48 18.70 0.47 22.37
CA TYR B 48 18.17 0.72 23.71
C TYR B 48 18.71 -0.32 24.69
N ALA B 49 19.62 -1.16 24.20
CA ALA B 49 20.28 -2.19 25.01
C ALA B 49 19.30 -3.18 25.63
N LEU B 50 18.15 -3.39 24.98
CA LEU B 50 17.12 -4.27 25.49
C LEU B 50 17.48 -5.74 25.36
N HIS B 51 18.33 -6.06 24.40
CA HIS B 51 18.73 -7.45 24.16
C HIS B 51 19.56 -8.01 25.31
N LYS B 52 20.14 -7.12 26.11
CA LYS B 52 20.94 -7.54 27.26
C LYS B 52 20.05 -7.99 28.42
N GLN B 53 18.76 -7.67 28.34
CA GLN B 53 17.83 -8.04 29.39
C GLN B 53 16.97 -9.22 28.98
N MET B 54 17.33 -9.85 27.86
CA MET B 54 16.59 -10.99 27.34
C MET B 54 17.52 -12.14 27.01
N ARG B 55 16.96 -13.34 26.87
CA ARG B 55 17.72 -14.50 26.47
C ARG B 55 17.69 -14.67 24.96
N ILE B 56 18.81 -14.37 24.31
CA ILE B 56 18.91 -14.46 22.86
C ILE B 56 18.97 -15.91 22.40
N VAL B 57 17.97 -16.34 21.64
CA VAL B 57 17.92 -17.70 21.14
C VAL B 57 17.95 -17.73 19.62
N LYS B 58 18.90 -18.48 19.08
CA LYS B 58 19.01 -18.62 17.63
C LYS B 58 17.87 -19.48 17.10
N PRO B 59 17.17 -18.98 16.08
CA PRO B 59 16.04 -19.73 15.50
C PRO B 59 16.50 -20.92 14.68
N LYS B 60 15.76 -22.02 14.75
CA LYS B 60 15.99 -23.15 13.86
C LYS B 60 15.19 -22.91 12.59
N VAL B 61 15.56 -23.61 11.52
CA VAL B 61 14.80 -23.54 10.28
C VAL B 61 13.78 -24.68 10.26
N ALA B 62 12.53 -24.35 9.93
CA ALA B 62 11.47 -25.35 9.87
C ALA B 62 11.75 -26.38 8.78
N SER B 63 11.59 -27.66 9.11
CA SER B 63 11.79 -28.72 8.14
C SER B 63 10.58 -28.81 7.20
N MET B 64 10.74 -29.56 6.12
CA MET B 64 9.66 -29.76 5.16
C MET B 64 8.45 -30.40 5.83
N GLU B 65 8.71 -31.32 6.75
CA GLU B 65 7.65 -32.04 7.45
C GLU B 65 6.91 -31.13 8.43
N GLU B 66 7.65 -30.24 9.08
CA GLU B 66 7.06 -29.30 10.03
C GLU B 66 6.12 -28.33 9.31
N MET B 67 6.55 -27.88 8.13
CA MET B 67 5.74 -26.97 7.34
C MET B 67 4.52 -27.68 6.78
N ALA B 68 4.67 -28.97 6.50
CA ALA B 68 3.59 -29.77 5.89
C ALA B 68 2.48 -30.14 6.87
N THR B 69 2.68 -29.85 8.16
CA THR B 69 1.65 -30.13 9.15
C THR B 69 0.44 -29.21 8.99
N PHE B 70 0.64 -28.10 8.28
CA PHE B 70 -0.45 -27.19 7.96
C PHE B 70 -0.57 -26.98 6.46
N HIS B 71 0.55 -26.70 5.81
CA HIS B 71 0.55 -26.42 4.37
C HIS B 71 0.56 -27.71 3.56
N THR B 72 -0.18 -27.71 2.46
CA THR B 72 -0.25 -28.88 1.58
C THR B 72 1.08 -29.07 0.87
N ASP B 73 1.40 -30.32 0.55
CA ASP B 73 2.66 -30.64 -0.13
C ASP B 73 2.72 -30.00 -1.52
N ALA B 74 1.58 -29.89 -2.18
CA ALA B 74 1.51 -29.30 -3.51
C ALA B 74 1.95 -27.84 -3.49
N TYR B 75 1.45 -27.07 -2.53
CA TYR B 75 1.81 -25.67 -2.41
C TYR B 75 3.28 -25.49 -2.04
N LEU B 76 3.74 -26.26 -1.05
CA LEU B 76 5.12 -26.19 -0.61
C LEU B 76 6.11 -26.55 -1.72
N GLN B 77 5.78 -27.56 -2.51
CA GLN B 77 6.63 -27.96 -3.63
C GLN B 77 6.69 -26.88 -4.71
N HIS B 78 5.55 -26.24 -4.97
CA HIS B 78 5.49 -25.15 -5.92
C HIS B 78 6.32 -23.97 -5.41
N LEU B 79 6.09 -23.59 -4.16
CA LEU B 79 6.81 -22.49 -3.54
C LEU B 79 8.32 -22.74 -3.58
N GLN B 80 8.71 -23.99 -3.32
CA GLN B 80 10.11 -24.39 -3.39
C GLN B 80 10.64 -24.30 -4.82
N LYS B 81 9.83 -24.76 -5.76
CA LYS B 81 10.21 -24.80 -7.17
C LYS B 81 10.50 -23.41 -7.71
N VAL B 82 9.60 -22.48 -7.43
CA VAL B 82 9.73 -21.11 -7.94
CA VAL B 82 9.70 -21.12 -7.92
C VAL B 82 10.77 -20.32 -7.16
N SER B 83 11.09 -20.77 -5.95
CA SER B 83 12.06 -20.08 -5.11
C SER B 83 13.50 -20.28 -5.59
N GLN B 84 13.73 -21.38 -6.31
CA GLN B 84 15.05 -21.71 -6.84
C GLN B 84 15.66 -20.57 -7.68
N GLU B 85 14.91 -20.08 -8.66
CA GLU B 85 15.42 -19.03 -9.54
C GLU B 85 14.69 -17.70 -9.38
N GLY B 86 13.55 -17.73 -8.69
CA GLY B 86 12.69 -16.57 -8.57
C GLY B 86 11.83 -16.38 -9.79
N ASP B 87 11.08 -17.40 -10.16
CA ASP B 87 10.27 -17.37 -11.38
C ASP B 87 8.93 -16.67 -11.16
N ASP B 88 8.93 -15.34 -11.21
CA ASP B 88 7.71 -14.58 -10.97
C ASP B 88 6.72 -14.64 -12.13
N ASP B 89 6.77 -15.72 -12.92
CA ASP B 89 5.91 -15.86 -14.09
C ASP B 89 5.44 -17.31 -14.32
N HIS B 90 5.35 -18.09 -13.25
CA HIS B 90 4.93 -19.49 -13.38
C HIS B 90 3.41 -19.58 -13.59
N PRO B 91 2.99 -20.46 -14.52
CA PRO B 91 1.57 -20.61 -14.89
C PRO B 91 0.67 -21.03 -13.73
N ASP B 92 1.22 -21.69 -12.72
CA ASP B 92 0.41 -22.18 -11.61
C ASP B 92 0.47 -21.27 -10.38
N SER B 93 1.17 -20.15 -10.49
CA SER B 93 1.36 -19.26 -9.34
C SER B 93 0.07 -18.57 -8.91
N ILE B 94 -0.81 -18.29 -9.87
CA ILE B 94 -2.07 -17.61 -9.57
C ILE B 94 -2.98 -18.42 -8.64
N GLU B 95 -3.09 -19.71 -8.89
CA GLU B 95 -3.92 -20.57 -8.04
C GLU B 95 -3.30 -20.77 -6.67
N TYR B 96 -1.99 -20.55 -6.56
CA TYR B 96 -1.29 -20.63 -5.27
C TYR B 96 -1.10 -19.27 -4.61
N GLY B 97 -1.74 -18.24 -5.17
CA GLY B 97 -1.76 -16.92 -4.55
C GLY B 97 -0.50 -16.09 -4.78
N LEU B 98 0.44 -16.62 -5.55
CA LEU B 98 1.64 -15.86 -5.88
C LEU B 98 1.32 -14.84 -6.97
N GLY B 99 1.82 -13.62 -6.81
CA GLY B 99 1.55 -12.56 -7.76
C GLY B 99 1.99 -11.21 -7.23
N TYR B 100 1.09 -10.23 -7.29
CA TYR B 100 1.41 -8.87 -6.88
C TYR B 100 1.71 -8.76 -5.38
N ASP B 101 0.75 -9.16 -4.55
CA ASP B 101 0.93 -9.12 -3.09
C ASP B 101 2.04 -10.06 -2.65
N CYS B 102 2.11 -11.23 -3.26
CA CYS B 102 3.13 -12.21 -2.89
C CYS B 102 3.99 -12.61 -4.08
N PRO B 103 4.95 -11.75 -4.45
CA PRO B 103 5.86 -12.07 -5.55
C PRO B 103 6.78 -13.24 -5.18
N ALA B 104 7.24 -13.95 -6.19
CA ALA B 104 8.11 -15.10 -5.99
C ALA B 104 9.57 -14.68 -5.93
N THR B 105 9.97 -14.07 -4.83
CA THR B 105 11.34 -13.64 -4.62
C THR B 105 12.27 -14.85 -4.63
N GLU B 106 13.48 -14.68 -5.14
CA GLU B 106 14.46 -15.76 -5.13
C GLU B 106 14.84 -16.10 -3.69
N GLY B 107 14.68 -17.36 -3.31
CA GLY B 107 15.00 -17.80 -1.97
C GLY B 107 13.88 -17.56 -0.99
N ILE B 108 12.69 -17.23 -1.50
CA ILE B 108 11.54 -16.95 -0.65
C ILE B 108 11.15 -18.16 0.20
N PHE B 109 11.38 -19.36 -0.33
CA PHE B 109 11.06 -20.58 0.42
C PHE B 109 11.95 -20.69 1.66
N ASP B 110 13.22 -20.31 1.51
CA ASP B 110 14.14 -20.33 2.63
C ASP B 110 13.78 -19.24 3.64
N TYR B 111 13.33 -18.11 3.13
CA TYR B 111 12.91 -17.01 3.99
CA TYR B 111 12.88 -16.99 3.96
C TYR B 111 11.69 -17.41 4.81
N ALA B 112 10.70 -18.02 4.16
CA ALA B 112 9.50 -18.47 4.83
C ALA B 112 9.79 -19.58 5.83
N ALA B 113 10.66 -20.51 5.44
CA ALA B 113 11.03 -21.62 6.32
C ALA B 113 11.78 -21.13 7.55
N ALA B 114 12.58 -20.09 7.37
CA ALA B 114 13.32 -19.49 8.48
C ALA B 114 12.37 -18.85 9.48
N ILE B 115 11.38 -18.12 8.97
CA ILE B 115 10.38 -17.48 9.82
C ILE B 115 9.49 -18.51 10.51
N GLY B 116 9.13 -19.55 9.77
CA GLY B 116 8.35 -20.64 10.32
C GLY B 116 9.05 -21.28 11.50
N GLY B 117 10.33 -21.61 11.32
CA GLY B 117 11.12 -22.25 12.36
C GLY B 117 11.37 -21.35 13.55
N ALA B 118 11.46 -20.05 13.30
CA ALA B 118 11.69 -19.07 14.36
C ALA B 118 10.52 -19.03 15.35
N THR B 119 9.31 -19.04 14.80
CA THR B 119 8.11 -19.04 15.64
C THR B 119 7.96 -20.39 16.35
N ILE B 120 8.32 -21.47 15.66
CA ILE B 120 8.32 -22.79 16.27
C ILE B 120 9.31 -22.86 17.42
N THR B 121 10.51 -22.34 17.19
CA THR B 121 11.55 -22.29 18.21
C THR B 121 11.06 -21.53 19.45
N ALA B 122 10.39 -20.41 19.23
CA ALA B 122 9.86 -19.61 20.33
C ALA B 122 8.78 -20.39 21.09
N ALA B 123 7.96 -21.14 20.35
CA ALA B 123 6.93 -21.95 20.96
C ALA B 123 7.54 -23.06 21.82
N GLN B 124 8.61 -23.67 21.32
CA GLN B 124 9.28 -24.74 22.03
C GLN B 124 9.93 -24.22 23.30
N CYS B 125 10.39 -22.97 23.27
CA CYS B 125 10.96 -22.33 24.45
C CYS B 125 9.91 -22.17 25.53
N LEU B 126 8.68 -21.86 25.12
CA LEU B 126 7.57 -21.71 26.06
C LEU B 126 7.19 -23.06 26.66
N ILE B 127 7.20 -24.11 25.85
CA ILE B 127 6.88 -25.46 26.31
C ILE B 127 7.86 -25.93 27.37
N ASP B 128 9.14 -25.77 27.09
CA ASP B 128 10.20 -26.26 27.97
C ASP B 128 10.37 -25.43 29.24
N GLY B 129 9.49 -24.43 29.43
CA GLY B 129 9.53 -23.61 30.62
C GLY B 129 10.75 -22.71 30.68
N MET B 130 11.35 -22.47 29.52
CA MET B 130 12.55 -21.64 29.40
C MET B 130 12.21 -20.20 29.75
N CYS B 131 10.96 -19.82 29.52
CA CYS B 131 10.51 -18.45 29.71
C CYS B 131 8.99 -18.40 29.79
N LYS B 132 8.47 -17.20 30.04
CA LYS B 132 7.02 -17.00 30.03
C LYS B 132 6.62 -16.18 28.81
N VAL B 133 7.60 -15.49 28.22
CA VAL B 133 7.38 -14.71 27.01
C VAL B 133 8.47 -14.98 25.98
N ALA B 134 8.07 -15.34 24.76
CA ALA B 134 9.02 -15.54 23.68
C ALA B 134 8.68 -14.62 22.51
N ILE B 135 9.70 -13.96 21.96
CA ILE B 135 9.49 -12.89 20.99
C ILE B 135 10.08 -13.21 19.61
N ASN B 136 9.24 -13.12 18.59
CA ASN B 136 9.69 -13.19 17.20
C ASN B 136 9.05 -12.06 16.40
N TRP B 137 9.71 -10.90 16.41
CA TRP B 137 9.16 -9.72 15.75
C TRP B 137 9.03 -9.86 14.24
N SER B 138 9.80 -10.78 13.66
CA SER B 138 9.78 -11.00 12.22
C SER B 138 8.71 -12.00 11.79
N GLY B 139 7.91 -12.47 12.74
CA GLY B 139 6.83 -13.39 12.44
C GLY B 139 5.48 -12.71 12.35
N GLY B 140 4.41 -13.49 12.44
CA GLY B 140 3.06 -12.95 12.46
C GLY B 140 2.41 -12.86 11.09
N TRP B 141 2.83 -13.74 10.18
CA TRP B 141 2.30 -13.74 8.82
C TRP B 141 1.01 -14.53 8.73
N HIS B 142 -0.07 -13.88 9.18
CA HIS B 142 -1.33 -14.53 9.50
C HIS B 142 -2.32 -14.73 8.34
N HIS B 143 -1.98 -14.27 7.15
CA HIS B 143 -2.89 -14.40 6.01
C HIS B 143 -2.72 -15.71 5.24
N ALA B 144 -1.55 -16.32 5.35
CA ALA B 144 -1.23 -17.49 4.54
C ALA B 144 -2.19 -18.66 4.80
N LYS B 145 -2.69 -19.25 3.71
CA LYS B 145 -3.58 -20.40 3.80
C LYS B 145 -2.79 -21.69 3.58
N LYS B 146 -3.44 -22.83 3.78
CA LYS B 146 -2.76 -24.11 3.67
C LYS B 146 -2.24 -24.37 2.25
N ASP B 147 -2.93 -23.82 1.26
CA ASP B 147 -2.56 -24.05 -0.13
C ASP B 147 -2.42 -22.76 -0.93
N GLU B 148 -2.23 -21.64 -0.23
CA GLU B 148 -2.23 -20.34 -0.90
C GLU B 148 -1.47 -19.26 -0.15
N ALA B 149 -0.61 -18.56 -0.87
CA ALA B 149 0.04 -17.36 -0.34
C ALA B 149 -0.98 -16.23 -0.38
N SER B 150 -0.90 -15.33 0.60
CA SER B 150 -1.86 -14.24 0.70
C SER B 150 -1.35 -13.10 1.58
N GLY B 151 -1.65 -11.87 1.18
CA GLY B 151 -1.37 -10.70 2.00
C GLY B 151 0.08 -10.59 2.49
N PHE B 152 1.02 -10.80 1.58
CA PHE B 152 2.46 -10.75 1.85
C PHE B 152 2.93 -11.94 2.70
N CYS B 153 2.02 -12.89 2.95
CA CYS B 153 2.35 -14.06 3.75
C CYS B 153 2.48 -15.30 2.86
N TYR B 154 3.62 -15.98 2.97
CA TYR B 154 3.88 -17.18 2.18
C TYR B 154 3.67 -18.43 3.01
N LEU B 155 4.07 -18.36 4.28
CA LEU B 155 3.91 -19.44 5.22
C LEU B 155 3.30 -18.89 6.51
N ASN B 156 2.32 -19.58 7.05
CA ASN B 156 1.67 -19.11 8.27
C ASN B 156 2.40 -19.59 9.52
N ASP B 157 3.40 -18.80 9.94
CA ASP B 157 4.21 -19.15 11.09
C ASP B 157 3.40 -19.13 12.38
N ALA B 158 2.38 -18.28 12.42
CA ALA B 158 1.50 -18.21 13.58
C ALA B 158 0.77 -19.54 13.80
N VAL B 159 0.27 -20.12 12.72
CA VAL B 159 -0.38 -21.43 12.80
C VAL B 159 0.60 -22.50 13.25
N LEU B 160 1.79 -22.49 12.66
CA LEU B 160 2.83 -23.45 13.02
C LEU B 160 3.22 -23.32 14.49
N GLY B 161 3.24 -22.09 14.98
CA GLY B 161 3.56 -21.84 16.38
C GLY B 161 2.49 -22.39 17.30
N ILE B 162 1.23 -22.18 16.93
CA ILE B 162 0.10 -22.69 17.69
C ILE B 162 0.09 -24.22 17.71
N LEU B 163 0.38 -24.82 16.56
CA LEU B 163 0.44 -26.28 16.45
C LEU B 163 1.54 -26.88 17.30
N ARG B 164 2.63 -26.13 17.49
CA ARG B 164 3.72 -26.59 18.34
C ARG B 164 3.32 -26.48 19.81
N LEU B 165 2.63 -25.39 20.16
CA LEU B 165 2.13 -25.21 21.52
C LEU B 165 1.11 -26.27 21.91
N ARG B 166 0.43 -26.82 20.91
CA ARG B 166 -0.59 -27.84 21.13
C ARG B 166 -0.03 -29.12 21.76
N ARG B 167 1.28 -29.30 21.66
CA ARG B 167 1.94 -30.47 22.25
C ARG B 167 1.78 -30.49 23.76
N LYS B 168 1.61 -29.32 24.36
CA LYS B 168 1.48 -29.22 25.81
C LYS B 168 0.16 -28.57 26.24
N PHE B 169 -0.21 -27.49 25.57
CA PHE B 169 -1.38 -26.70 25.99
C PHE B 169 -2.67 -27.12 25.29
N GLU B 170 -3.70 -27.37 26.08
CA GLU B 170 -4.99 -27.86 25.56
C GLU B 170 -5.91 -26.73 25.12
N ARG B 171 -5.69 -25.53 25.66
CA ARG B 171 -6.46 -24.36 25.25
C ARG B 171 -5.55 -23.18 24.95
N ILE B 172 -5.51 -22.80 23.68
CA ILE B 172 -4.64 -21.72 23.23
C ILE B 172 -5.44 -20.54 22.71
N LEU B 173 -5.13 -19.36 23.20
CA LEU B 173 -5.81 -18.15 22.75
C LEU B 173 -4.94 -17.36 21.76
N TYR B 174 -5.45 -17.14 20.57
CA TYR B 174 -4.76 -16.33 19.58
C TYR B 174 -5.38 -14.94 19.50
N VAL B 175 -4.58 -13.92 19.78
CA VAL B 175 -5.05 -12.54 19.73
C VAL B 175 -4.32 -11.77 18.63
N ASP B 176 -5.10 -11.17 17.74
CA ASP B 176 -4.56 -10.57 16.52
C ASP B 176 -4.92 -9.09 16.46
N LEU B 177 -3.93 -8.23 16.73
CA LEU B 177 -4.16 -6.79 16.77
C LEU B 177 -3.64 -6.08 15.52
N ASP B 178 -3.32 -6.86 14.48
CA ASP B 178 -2.94 -6.31 13.19
C ASP B 178 -4.11 -5.51 12.62
N LEU B 179 -3.81 -4.59 11.70
CA LEU B 179 -4.86 -3.79 11.06
C LEU B 179 -5.81 -4.68 10.26
N HIS B 180 -5.27 -5.74 9.67
CA HIS B 180 -6.07 -6.63 8.83
C HIS B 180 -6.59 -7.83 9.61
N HIS B 181 -7.64 -8.45 9.08
CA HIS B 181 -8.23 -9.65 9.68
C HIS B 181 -7.28 -10.83 9.56
N GLY B 182 -7.05 -11.52 10.68
CA GLY B 182 -6.21 -12.71 10.68
C GLY B 182 -6.96 -13.92 10.15
N ASP B 183 -7.28 -13.89 8.87
CA ASP B 183 -8.13 -14.92 8.26
C ASP B 183 -7.46 -16.29 8.13
N GLY B 184 -6.15 -16.29 7.85
CA GLY B 184 -5.42 -17.54 7.68
C GLY B 184 -5.38 -18.38 8.94
N VAL B 185 -5.17 -17.72 10.07
CA VAL B 185 -5.13 -18.40 11.36
C VAL B 185 -6.53 -18.83 11.80
N GLU B 186 -7.50 -17.96 11.55
CA GLU B 186 -8.89 -18.29 11.89
C GLU B 186 -9.38 -19.49 11.10
N ASP B 187 -9.12 -19.48 9.79
CA ASP B 187 -9.52 -20.59 8.93
C ASP B 187 -8.85 -21.90 9.35
N ALA B 188 -7.60 -21.82 9.76
CA ALA B 188 -6.84 -23.00 10.16
C ALA B 188 -7.48 -23.74 11.32
N PHE B 189 -8.06 -22.99 12.26
CA PHE B 189 -8.62 -23.59 13.47
C PHE B 189 -10.12 -23.35 13.57
N SER B 190 -10.76 -23.06 12.44
N SER B 190 -10.76 -23.07 12.44
CA SER B 190 -12.18 -22.76 12.40
CA SER B 190 -12.18 -22.75 12.42
C SER B 190 -13.05 -23.91 12.91
C SER B 190 -13.07 -23.91 12.87
N PHE B 191 -12.55 -25.13 12.78
CA PHE B 191 -13.30 -26.32 13.15
C PHE B 191 -12.91 -26.93 14.50
N THR B 192 -12.10 -26.23 15.29
CA THR B 192 -11.68 -26.77 16.58
C THR B 192 -11.93 -25.83 17.74
N SER B 193 -12.13 -26.40 18.92
CA SER B 193 -12.35 -25.63 20.14
C SER B 193 -11.10 -25.58 21.00
N LYS B 194 -10.04 -26.24 20.53
CA LYS B 194 -8.76 -26.25 21.24
C LYS B 194 -8.10 -24.87 21.17
N VAL B 195 -8.36 -24.16 20.07
CA VAL B 195 -7.75 -22.85 19.86
C VAL B 195 -8.82 -21.81 19.56
N MET B 196 -8.88 -20.75 20.36
CA MET B 196 -9.79 -19.65 20.05
C MET B 196 -9.04 -18.47 19.44
N THR B 197 -9.53 -18.01 18.30
CA THR B 197 -8.92 -16.87 17.61
C THR B 197 -9.73 -15.59 17.85
N VAL B 198 -9.03 -14.52 18.21
CA VAL B 198 -9.66 -13.22 18.42
C VAL B 198 -8.94 -12.18 17.58
N SER B 199 -9.65 -11.58 16.64
CA SER B 199 -9.05 -10.59 15.76
C SER B 199 -9.75 -9.23 15.81
N LEU B 200 -8.98 -8.19 16.11
CA LEU B 200 -9.46 -6.83 16.02
C LEU B 200 -8.88 -6.24 14.74
N HIS B 201 -9.73 -5.73 13.87
CA HIS B 201 -9.29 -5.32 12.55
C HIS B 201 -10.25 -4.36 11.86
N LYS B 202 -9.74 -3.65 10.86
CA LYS B 202 -10.60 -2.82 10.02
C LYS B 202 -11.47 -3.73 9.16
N PHE B 203 -12.77 -3.46 9.16
CA PHE B 203 -13.71 -4.23 8.36
C PHE B 203 -14.56 -3.30 7.52
N SER B 204 -14.30 -3.27 6.22
CA SER B 204 -14.99 -2.38 5.31
C SER B 204 -14.90 -2.94 3.91
N PRO B 205 -16.03 -2.94 3.18
CA PRO B 205 -16.09 -3.48 1.81
C PRO B 205 -15.01 -2.90 0.92
N GLY B 206 -14.13 -3.76 0.41
CA GLY B 206 -13.03 -3.31 -0.42
C GLY B 206 -11.70 -3.39 0.30
N PHE B 207 -11.74 -3.49 1.62
CA PHE B 207 -10.52 -3.55 2.42
C PHE B 207 -10.08 -4.98 2.71
N PHE B 208 -8.82 -5.27 2.40
CA PHE B 208 -8.24 -6.60 2.53
C PHE B 208 -8.33 -7.12 3.98
N PRO B 209 -8.63 -8.42 4.15
CA PRO B 209 -8.95 -9.40 3.11
C PRO B 209 -10.43 -9.47 2.77
N GLY B 210 -11.25 -8.69 3.47
CA GLY B 210 -12.68 -8.62 3.18
C GLY B 210 -13.54 -9.49 4.08
N THR B 211 -12.90 -10.23 4.98
CA THR B 211 -13.63 -11.11 5.89
C THR B 211 -13.50 -10.65 7.35
N GLY B 212 -14.12 -11.41 8.26
CA GLY B 212 -13.99 -11.13 9.67
C GLY B 212 -15.06 -10.23 10.24
N ASP B 213 -16.30 -10.43 9.81
CA ASP B 213 -17.42 -9.71 10.41
C ASP B 213 -17.72 -10.33 11.78
N VAL B 214 -18.45 -9.61 12.62
CA VAL B 214 -18.77 -10.08 13.96
C VAL B 214 -19.57 -11.38 13.93
N SER B 215 -20.28 -11.61 12.83
CA SER B 215 -21.09 -12.81 12.66
C SER B 215 -20.26 -14.07 12.38
N ASP B 216 -19.02 -13.87 11.93
CA ASP B 216 -18.12 -14.99 11.69
C ASP B 216 -17.62 -15.56 13.02
N VAL B 217 -18.06 -16.78 13.34
CA VAL B 217 -17.77 -17.37 14.65
C VAL B 217 -17.18 -18.78 14.56
N GLY B 218 -16.71 -19.16 13.37
CA GLY B 218 -16.15 -20.48 13.18
C GLY B 218 -17.22 -21.48 12.75
N LEU B 219 -16.82 -22.71 12.50
CA LEU B 219 -17.73 -23.73 11.99
C LEU B 219 -17.66 -25.04 12.77
N GLY B 220 -18.76 -25.80 12.72
CA GLY B 220 -18.82 -27.12 13.32
C GLY B 220 -18.52 -27.17 14.81
N LYS B 221 -17.54 -27.99 15.16
CA LYS B 221 -17.12 -28.14 16.55
C LYS B 221 -16.39 -26.90 17.05
N GLY B 222 -15.96 -26.06 16.11
CA GLY B 222 -15.24 -24.84 16.43
C GLY B 222 -16.16 -23.63 16.50
N ARG B 223 -17.46 -23.87 16.36
CA ARG B 223 -18.43 -22.77 16.37
C ARG B 223 -18.40 -22.02 17.70
N TYR B 224 -18.42 -20.69 17.59
CA TYR B 224 -18.28 -19.76 18.73
C TYR B 224 -16.86 -19.71 19.30
N TYR B 225 -15.93 -20.42 18.67
CA TYR B 225 -14.54 -20.36 19.09
C TYR B 225 -13.70 -19.51 18.12
N SER B 226 -14.40 -18.68 17.35
CA SER B 226 -13.76 -17.65 16.55
C SER B 226 -14.43 -16.32 16.87
N VAL B 227 -13.62 -15.31 17.19
CA VAL B 227 -14.16 -14.01 17.56
C VAL B 227 -13.59 -12.91 16.66
N ASN B 228 -14.47 -12.11 16.08
CA ASN B 228 -14.05 -11.00 15.24
C ASN B 228 -14.61 -9.67 15.72
N VAL B 229 -13.75 -8.65 15.76
CA VAL B 229 -14.13 -7.32 16.19
C VAL B 229 -13.92 -6.30 15.06
N PRO B 230 -14.96 -6.06 14.24
CA PRO B 230 -14.89 -5.09 13.15
C PRO B 230 -14.70 -3.67 13.69
N ILE B 231 -13.71 -2.96 13.15
CA ILE B 231 -13.41 -1.61 13.60
C ILE B 231 -13.34 -0.66 12.40
N GLN B 232 -13.75 0.59 12.59
CA GLN B 232 -13.74 1.57 11.51
C GLN B 232 -12.52 2.48 11.57
N ASP B 233 -12.31 3.24 10.49
CA ASP B 233 -11.18 4.16 10.38
C ASP B 233 -11.11 5.17 11.54
N GLY B 234 -9.89 5.55 11.91
CA GLY B 234 -9.68 6.69 12.79
C GLY B 234 -9.62 6.41 14.28
N ILE B 235 -9.71 5.14 14.67
CA ILE B 235 -9.71 4.80 16.09
C ILE B 235 -8.39 5.14 16.78
N GLN B 236 -8.46 5.69 17.98
CA GLN B 236 -7.27 6.08 18.72
C GLN B 236 -7.08 5.22 19.97
N ASP B 237 -6.00 5.48 20.70
CA ASP B 237 -5.56 4.64 21.81
C ASP B 237 -6.63 4.29 22.85
N GLU B 238 -7.29 5.31 23.40
CA GLU B 238 -8.21 5.11 24.51
C GLU B 238 -9.42 4.26 24.15
N LYS B 239 -10.09 4.60 23.05
CA LYS B 239 -11.27 3.87 22.62
C LYS B 239 -10.92 2.45 22.18
N TYR B 240 -9.75 2.29 21.57
CA TYR B 240 -9.29 0.97 21.15
C TYR B 240 -9.03 0.07 22.36
N TYR B 241 -8.35 0.61 23.37
CA TYR B 241 -8.03 -0.18 24.55
C TYR B 241 -9.27 -0.64 25.30
N GLN B 242 -10.20 0.28 25.54
CA GLN B 242 -11.43 -0.03 26.25
CA GLN B 242 -11.43 -0.04 26.26
C GLN B 242 -12.23 -1.11 25.52
N ASN B 243 -12.22 -1.04 24.19
CA ASN B 243 -12.91 -2.03 23.37
C ASN B 243 -12.19 -3.37 23.41
N CYS B 244 -10.86 -3.32 23.33
CA CYS B 244 -10.04 -4.54 23.36
C CYS B 244 -10.14 -5.23 24.71
N GLU B 245 -10.02 -4.45 25.78
CA GLU B 245 -10.06 -4.98 27.14
C GLU B 245 -11.39 -5.64 27.46
N SER B 246 -12.48 -5.01 27.01
CA SER B 246 -13.83 -5.52 27.30
C SER B 246 -14.07 -6.85 26.60
N VAL B 247 -13.48 -7.02 25.43
CA VAL B 247 -13.61 -8.27 24.68
C VAL B 247 -12.73 -9.36 25.29
N LEU B 248 -11.47 -9.02 25.56
CA LEU B 248 -10.53 -9.98 26.13
C LEU B 248 -10.94 -10.44 27.53
N LYS B 249 -11.63 -9.57 28.26
CA LYS B 249 -12.13 -9.90 29.60
C LYS B 249 -13.17 -11.02 29.51
N GLU B 250 -14.10 -10.87 28.57
CA GLU B 250 -15.14 -11.88 28.35
C GLU B 250 -14.54 -13.16 27.78
N VAL B 251 -13.57 -12.99 26.89
CA VAL B 251 -12.87 -14.12 26.28
C VAL B 251 -12.12 -14.96 27.32
N TYR B 252 -11.36 -14.28 28.17
CA TYR B 252 -10.55 -14.96 29.18
C TYR B 252 -11.40 -15.77 30.15
N GLN B 253 -12.50 -15.16 30.60
CA GLN B 253 -13.37 -15.81 31.58
C GLN B 253 -14.16 -16.97 30.99
N ALA B 254 -14.43 -16.91 29.69
CA ALA B 254 -15.21 -17.95 29.03
C ALA B 254 -14.35 -19.09 28.49
N PHE B 255 -13.16 -18.75 27.98
CA PHE B 255 -12.30 -19.74 27.34
C PHE B 255 -11.27 -20.33 28.28
N ASN B 256 -10.79 -19.49 29.21
CA ASN B 256 -9.78 -19.89 30.19
C ASN B 256 -8.54 -20.53 29.55
N PRO B 257 -7.80 -19.74 28.77
CA PRO B 257 -6.66 -20.27 28.00
C PRO B 257 -5.49 -20.65 28.89
N LYS B 258 -4.63 -21.54 28.40
CA LYS B 258 -3.43 -21.93 29.14
C LYS B 258 -2.19 -21.34 28.47
N ALA B 259 -2.35 -20.86 27.24
CA ALA B 259 -1.26 -20.23 26.51
C ALA B 259 -1.83 -19.18 25.56
N VAL B 260 -1.01 -18.18 25.23
CA VAL B 260 -1.46 -17.08 24.37
C VAL B 260 -0.47 -16.81 23.23
N VAL B 261 -0.99 -16.70 22.02
CA VAL B 261 -0.20 -16.21 20.89
C VAL B 261 -0.72 -14.84 20.49
N LEU B 262 0.17 -13.86 20.48
CA LEU B 262 -0.23 -12.46 20.28
C LEU B 262 0.43 -11.83 19.06
N GLN B 263 -0.37 -11.50 18.06
CA GLN B 263 0.11 -10.87 16.84
C GLN B 263 -0.04 -9.35 16.97
N LEU B 264 1.07 -8.63 16.81
CA LEU B 264 1.07 -7.19 17.04
C LEU B 264 1.50 -6.38 15.82
N GLY B 265 0.86 -6.64 14.67
CA GLY B 265 1.14 -5.88 13.47
C GLY B 265 0.99 -4.39 13.67
N ALA B 266 2.02 -3.63 13.28
CA ALA B 266 2.05 -2.20 13.55
C ALA B 266 1.45 -1.35 12.43
N ASP B 267 0.63 -1.95 11.57
CA ASP B 267 -0.01 -1.19 10.51
C ASP B 267 -1.26 -0.45 11.01
N THR B 268 -1.49 -0.49 12.31
CA THR B 268 -2.57 0.28 12.93
C THR B 268 -2.06 1.63 13.42
N ILE B 269 -0.73 1.77 13.46
CA ILE B 269 -0.10 2.96 14.05
C ILE B 269 -0.19 4.16 13.11
N ALA B 270 -0.51 5.32 13.68
CA ALA B 270 -0.54 6.57 12.93
C ALA B 270 0.77 6.79 12.18
N GLY B 271 0.68 7.28 10.94
CA GLY B 271 1.86 7.47 10.12
C GLY B 271 2.06 6.35 9.13
N ASP B 272 1.36 5.23 9.31
CA ASP B 272 1.41 4.14 8.35
C ASP B 272 0.76 4.63 7.06
N PRO B 273 1.39 4.33 5.92
CA PRO B 273 0.87 4.78 4.62
C PRO B 273 -0.54 4.29 4.34
N MET B 274 -0.93 3.16 4.95
CA MET B 274 -2.28 2.65 4.78
C MET B 274 -3.32 3.57 5.40
N CYS B 275 -2.88 4.41 6.34
CA CYS B 275 -3.67 5.51 6.89
C CYS B 275 -5.11 5.13 7.22
N SER B 276 -5.28 4.12 8.08
CA SER B 276 -6.60 3.67 8.46
C SER B 276 -6.87 3.93 9.94
N PHE B 277 -6.21 3.17 10.82
CA PHE B 277 -6.34 3.42 12.25
C PHE B 277 -5.46 4.60 12.63
N ASN B 278 -5.60 5.07 13.86
CA ASN B 278 -4.86 6.25 14.32
C ASN B 278 -4.24 5.97 15.68
N MET B 279 -3.61 4.81 15.81
CA MET B 279 -3.06 4.33 17.07
C MET B 279 -1.63 4.80 17.32
N THR B 280 -1.23 4.75 18.58
CA THR B 280 0.17 4.93 18.97
C THR B 280 0.60 3.67 19.70
N PRO B 281 1.91 3.42 19.79
CA PRO B 281 2.41 2.22 20.50
C PRO B 281 1.96 2.15 21.96
N VAL B 282 1.65 3.30 22.56
CA VAL B 282 1.16 3.32 23.94
C VAL B 282 -0.17 2.60 24.07
N GLY B 283 -1.06 2.81 23.11
CA GLY B 283 -2.36 2.18 23.11
C GLY B 283 -2.28 0.67 23.00
N ILE B 284 -1.44 0.20 22.07
CA ILE B 284 -1.23 -1.23 21.90
C ILE B 284 -0.56 -1.80 23.15
N GLY B 285 0.33 -1.01 23.75
CA GLY B 285 1.04 -1.42 24.95
C GLY B 285 0.12 -1.76 26.11
N LYS B 286 -0.97 -1.02 26.25
CA LYS B 286 -1.93 -1.27 27.31
C LYS B 286 -2.66 -2.60 27.07
N CYS B 287 -2.95 -2.89 25.81
CA CYS B 287 -3.55 -4.17 25.44
C CYS B 287 -2.59 -5.30 25.79
N LEU B 288 -1.31 -5.09 25.47
CA LEU B 288 -0.27 -6.07 25.77
C LEU B 288 -0.13 -6.32 27.27
N LYS B 289 -0.13 -5.24 28.06
CA LYS B 289 -0.05 -5.35 29.52
C LYS B 289 -1.19 -6.16 30.10
N TYR B 290 -2.39 -5.93 29.58
CA TYR B 290 -3.57 -6.64 30.05
C TYR B 290 -3.47 -8.13 29.78
N ILE B 291 -2.82 -8.50 28.68
CA ILE B 291 -2.61 -9.89 28.34
C ILE B 291 -1.48 -10.49 29.18
N LEU B 292 -0.43 -9.71 29.38
CA LEU B 292 0.72 -10.16 30.15
C LEU B 292 0.39 -10.45 31.61
N GLN B 293 -0.54 -9.69 32.18
CA GLN B 293 -0.88 -9.84 33.59
C GLN B 293 -1.66 -11.14 33.86
N TRP B 294 -2.05 -11.83 32.81
CA TRP B 294 -2.63 -13.16 32.93
C TRP B 294 -1.55 -14.15 33.37
N GLN B 295 -0.31 -13.77 33.13
CA GLN B 295 0.86 -14.58 33.48
C GLN B 295 0.82 -15.98 32.85
N LEU B 296 0.45 -16.03 31.58
CA LEU B 296 0.46 -17.28 30.83
C LEU B 296 1.65 -17.29 29.88
N ALA B 297 2.00 -18.47 29.39
CA ALA B 297 3.02 -18.59 28.36
C ALA B 297 2.56 -17.79 27.15
N THR B 298 3.36 -16.80 26.75
CA THR B 298 2.95 -15.88 25.69
C THR B 298 3.95 -15.83 24.55
N LEU B 299 3.46 -16.05 23.34
CA LEU B 299 4.28 -15.98 22.14
C LEU B 299 3.99 -14.68 21.39
N ILE B 300 4.99 -13.81 21.33
CA ILE B 300 4.84 -12.49 20.74
C ILE B 300 5.25 -12.46 19.27
N LEU B 301 4.35 -11.99 18.40
CA LEU B 301 4.62 -11.94 16.98
C LEU B 301 4.41 -10.53 16.41
N GLY B 302 5.17 -10.21 15.36
CA GLY B 302 4.99 -8.96 14.64
C GLY B 302 3.94 -9.12 13.57
N GLY B 303 4.24 -8.61 12.37
CA GLY B 303 3.32 -8.70 11.25
C GLY B 303 3.38 -7.48 10.37
N GLY B 304 2.23 -6.83 10.18
CA GLY B 304 2.15 -5.65 9.33
C GLY B 304 2.91 -4.47 9.91
N GLY B 305 3.01 -3.40 9.12
CA GLY B 305 3.74 -2.21 9.53
C GLY B 305 4.56 -1.70 8.36
N PHE B 306 4.09 -0.62 7.73
CA PHE B 306 4.68 -0.18 6.48
C PHE B 306 5.25 1.23 6.55
N ASN B 307 5.22 1.80 7.75
CA ASN B 307 6.13 2.87 8.10
C ASN B 307 7.23 2.18 8.91
N LEU B 308 8.36 1.94 8.26
CA LEU B 308 9.40 1.08 8.83
C LEU B 308 9.97 1.62 10.14
N ALA B 309 10.24 2.92 10.17
CA ALA B 309 10.74 3.56 11.38
C ALA B 309 9.72 3.51 12.50
N ASN B 310 8.46 3.76 12.17
CA ASN B 310 7.37 3.71 13.14
C ASN B 310 7.16 2.30 13.68
N THR B 311 7.31 1.31 12.81
CA THR B 311 7.17 -0.08 13.24
C THR B 311 8.27 -0.44 14.23
N ALA B 312 9.48 0.03 13.93
CA ALA B 312 10.61 -0.18 14.83
C ALA B 312 10.37 0.54 16.16
N ARG B 313 9.84 1.76 16.08
CA ARG B 313 9.48 2.52 17.26
C ARG B 313 8.50 1.74 18.13
N CYS B 314 7.48 1.18 17.49
CA CYS B 314 6.41 0.48 18.19
C CYS B 314 6.92 -0.77 18.90
N TRP B 315 7.54 -1.66 18.15
CA TRP B 315 7.98 -2.94 18.68
C TRP B 315 9.11 -2.79 19.70
N THR B 316 9.87 -1.69 19.60
CA THR B 316 10.88 -1.38 20.59
C THR B 316 10.21 -0.98 21.90
N TYR B 317 9.21 -0.12 21.81
CA TYR B 317 8.43 0.30 22.96
C TYR B 317 7.75 -0.89 23.62
N LEU B 318 7.13 -1.75 22.80
CA LEU B 318 6.43 -2.92 23.29
C LEU B 318 7.40 -3.89 23.98
N THR B 319 8.61 -3.98 23.45
CA THR B 319 9.65 -4.79 24.07
C THR B 319 9.99 -4.25 25.46
N GLY B 320 10.00 -2.93 25.57
CA GLY B 320 10.22 -2.28 26.86
C GLY B 320 9.08 -2.55 27.81
N VAL B 321 7.86 -2.59 27.27
CA VAL B 321 6.68 -2.92 28.06
C VAL B 321 6.80 -4.33 28.62
N ILE B 322 7.21 -5.26 27.76
CA ILE B 322 7.42 -6.65 28.17
C ILE B 322 8.45 -6.75 29.28
N LEU B 323 9.50 -5.94 29.18
CA LEU B 323 10.58 -5.95 30.16
C LEU B 323 10.27 -5.07 31.36
N GLY B 324 9.14 -4.37 31.31
CA GLY B 324 8.73 -3.48 32.38
C GLY B 324 9.65 -2.29 32.53
N LYS B 325 10.20 -1.83 31.42
CA LYS B 325 11.14 -0.71 31.43
C LYS B 325 10.58 0.52 30.72
N THR B 326 10.95 1.69 31.21
CA THR B 326 10.55 2.95 30.59
C THR B 326 11.72 3.49 29.77
N LEU B 327 11.54 3.53 28.45
CA LEU B 327 12.61 3.93 27.54
C LEU B 327 12.71 5.44 27.41
N SER B 328 13.91 5.92 27.09
CA SER B 328 14.14 7.33 26.85
C SER B 328 13.42 7.78 25.58
N SER B 329 12.85 8.97 25.61
CA SER B 329 12.12 9.51 24.46
C SER B 329 13.05 9.79 23.28
N GLU B 330 14.29 10.14 23.59
CA GLU B 330 15.25 10.46 22.54
C GLU B 330 15.79 9.21 21.87
N ILE B 331 15.63 9.13 20.55
CA ILE B 331 16.15 8.01 19.78
C ILE B 331 17.68 8.00 19.83
N PRO B 332 18.25 6.91 20.39
CA PRO B 332 19.70 6.77 20.49
C PRO B 332 20.34 6.57 19.12
N ASP B 333 21.58 7.02 18.98
CA ASP B 333 22.29 6.91 17.72
C ASP B 333 22.58 5.45 17.39
N HIS B 334 22.35 5.08 16.13
CA HIS B 334 22.62 3.73 15.65
C HIS B 334 22.72 3.71 14.14
N GLU B 335 22.63 2.53 13.54
CA GLU B 335 22.80 2.37 12.10
C GLU B 335 21.77 3.16 11.29
N PHE B 336 20.55 3.23 11.79
CA PHE B 336 19.45 3.85 11.05
C PHE B 336 18.94 5.13 11.71
N PHE B 337 19.83 5.84 12.41
CA PHE B 337 19.44 7.06 13.11
C PHE B 337 18.81 8.11 12.18
N THR B 338 19.35 8.24 10.97
CA THR B 338 18.88 9.23 10.02
C THR B 338 17.45 8.99 9.52
N ALA B 339 16.91 7.82 9.82
CA ALA B 339 15.55 7.46 9.38
C ALA B 339 14.49 7.98 10.35
N TYR B 340 14.93 8.55 11.47
CA TYR B 340 13.99 8.95 12.52
C TYR B 340 13.75 10.46 12.58
N GLY B 341 14.21 11.18 11.56
CA GLY B 341 13.91 12.59 11.44
C GLY B 341 12.44 12.83 11.15
N PRO B 342 11.97 14.06 11.34
CA PRO B 342 12.78 15.21 11.75
C PRO B 342 12.85 15.41 13.26
N ASP B 343 12.09 14.64 14.02
CA ASP B 343 12.01 14.86 15.47
C ASP B 343 12.90 13.94 16.29
N TYR B 344 13.19 12.74 15.76
CA TYR B 344 14.07 11.79 16.40
C TYR B 344 13.61 11.40 17.81
N VAL B 345 12.31 11.13 17.95
CA VAL B 345 11.77 10.68 19.23
C VAL B 345 11.07 9.34 19.11
N LEU B 346 10.89 8.67 20.25
CA LEU B 346 10.27 7.35 20.27
C LEU B 346 8.76 7.44 20.14
N GLU B 347 8.18 8.49 20.72
CA GLU B 347 6.74 8.68 20.72
C GLU B 347 6.19 9.00 19.33
N ILE B 348 4.95 8.57 19.09
CA ILE B 348 4.30 8.83 17.81
C ILE B 348 3.02 9.64 18.02
N THR B 349 2.90 10.74 17.28
CA THR B 349 1.75 11.63 17.39
C THR B 349 0.62 11.21 16.47
N PRO B 350 -0.60 11.07 17.02
CA PRO B 350 -1.77 10.72 16.21
C PRO B 350 -2.09 11.81 15.19
N SER B 351 -2.68 11.42 14.07
N SER B 351 -2.68 11.42 14.07
CA SER B 351 -3.08 12.37 13.05
CA SER B 351 -3.07 12.38 13.05
C SER B 351 -4.38 13.06 13.45
C SER B 351 -4.40 13.03 13.42
N CYS B 352 -4.63 14.23 12.88
CA CYS B 352 -5.85 14.98 13.17
C CYS B 352 -6.96 14.65 12.18
N ARG B 353 -7.47 13.42 12.26
CA ARG B 353 -8.58 13.01 11.39
C ARG B 353 -9.67 12.32 12.20
N PRO B 354 -10.93 12.36 11.71
CA PRO B 354 -12.08 11.85 12.46
C PRO B 354 -12.00 10.38 12.86
N ASP B 355 -12.64 10.05 13.97
CA ASP B 355 -12.82 8.67 14.40
C ASP B 355 -14.20 8.20 13.95
N ARG B 356 -14.22 7.24 13.04
CA ARG B 356 -15.47 6.79 12.44
C ARG B 356 -16.19 5.73 13.28
N ASN B 357 -15.69 5.50 14.50
CA ASN B 357 -16.26 4.48 15.37
C ASN B 357 -17.27 5.04 16.37
N GLU B 358 -18.52 5.16 15.94
CA GLU B 358 -19.58 5.64 16.81
C GLU B 358 -19.86 4.63 17.93
N PRO B 359 -20.00 5.13 19.16
CA PRO B 359 -20.11 4.33 20.39
C PRO B 359 -21.12 3.19 20.33
N HIS B 360 -22.24 3.38 19.65
CA HIS B 360 -23.29 2.36 19.61
C HIS B 360 -22.85 1.11 18.84
N ARG B 361 -21.96 1.28 17.87
CA ARG B 361 -21.43 0.14 17.13
CA ARG B 361 -21.40 0.16 17.12
C ARG B 361 -20.61 -0.77 18.04
N ILE B 362 -19.66 -0.17 18.76
CA ILE B 362 -18.79 -0.89 19.67
C ILE B 362 -19.58 -1.68 20.69
N GLN B 363 -20.56 -1.02 21.31
CA GLN B 363 -21.38 -1.64 22.36
C GLN B 363 -22.21 -2.80 21.78
N GLN B 364 -22.72 -2.59 20.58
CA GLN B 364 -23.56 -3.60 19.93
C GLN B 364 -22.72 -4.80 19.50
N ILE B 365 -21.52 -4.54 19.00
CA ILE B 365 -20.59 -5.61 18.63
C ILE B 365 -20.18 -6.42 19.86
N LEU B 366 -19.84 -5.72 20.93
CA LEU B 366 -19.45 -6.36 22.19
C LEU B 366 -20.55 -7.26 22.73
N ASN B 367 -21.79 -6.75 22.72
CA ASN B 367 -22.93 -7.52 23.21
C ASN B 367 -23.20 -8.77 22.36
N TYR B 368 -22.94 -8.67 21.06
CA TYR B 368 -23.04 -9.83 20.18
C TYR B 368 -22.01 -10.87 20.58
N ILE B 369 -20.79 -10.42 20.84
CA ILE B 369 -19.70 -11.30 21.25
C ILE B 369 -20.01 -11.97 22.58
N LYS B 370 -20.55 -11.20 23.51
CA LYS B 370 -20.96 -11.74 24.82
C LYS B 370 -22.00 -12.84 24.65
N GLY B 371 -22.87 -12.67 23.66
CA GLY B 371 -23.88 -13.67 23.36
C GLY B 371 -23.29 -14.94 22.81
N ASN B 372 -22.27 -14.80 21.97
CA ASN B 372 -21.59 -15.96 21.40
C ASN B 372 -20.79 -16.73 22.44
N LEU B 373 -20.17 -16.01 23.37
CA LEU B 373 -19.31 -16.62 24.36
C LEU B 373 -20.08 -17.37 25.44
N LYS B 374 -21.40 -17.19 25.47
CA LYS B 374 -22.25 -17.92 26.40
C LYS B 374 -22.29 -19.40 26.05
N HIS B 375 -22.04 -19.71 24.77
CA HIS B 375 -22.05 -21.09 24.30
C HIS B 375 -20.70 -21.77 24.56
N VAL B 376 -19.72 -20.98 24.96
CA VAL B 376 -18.39 -21.51 25.26
C VAL B 376 -18.34 -22.10 26.67
N VAL B 377 -18.42 -23.42 26.76
CA VAL B 377 -18.41 -24.10 28.05
C VAL B 377 -17.28 -25.12 28.14
C ACE C 1 6.47 15.66 5.44
O ACE C 1 5.50 15.45 4.70
CH3 ACE C 1 6.53 16.82 6.37
N ARG C 2 7.56 14.91 5.38
CA ARG C 2 7.67 13.74 4.51
C ARG C 2 6.71 12.63 4.92
N HIS C 3 5.89 12.17 3.97
CA HIS C 3 4.95 11.09 4.22
C HIS C 3 5.38 9.82 3.48
OH ALY C 4 10.12 4.48 7.51
CH ALY C 4 10.00 5.67 7.12
CH3 ALY C 4 10.60 6.82 7.89
NZ ALY C 4 9.33 5.98 5.94
CE ALY C 4 8.71 5.01 5.10
CD ALY C 4 7.17 5.00 5.15
CG ALY C 4 6.63 6.35 4.72
CB ALY C 4 5.30 6.21 4.01
CA ALY C 4 5.00 7.46 3.15
N ALY C 4 4.79 8.69 3.86
C ALY C 4 3.77 7.18 2.31
O ALY C 4 2.61 7.37 2.71
OH ALY C 5 0.04 6.60 -7.10
CH ALY C 5 1.26 6.80 -7.20
CH3 ALY C 5 1.90 7.05 -8.54
NZ ALY C 5 2.08 6.84 -6.09
CE ALY C 5 1.60 6.63 -4.74
CD ALY C 5 2.62 7.05 -3.67
CG ALY C 5 2.18 6.60 -2.30
CB ALY C 5 3.34 6.77 -1.33
CA ALY C 5 2.96 6.47 0.13
N ALY C 5 4.03 6.72 1.10
C ALY C 5 2.50 5.02 0.19
O ALY C 5 1.32 4.69 0.04
C ACE D 1 -12.04 -12.76 -2.64
O ACE D 1 -11.77 -12.09 -1.66
CH3 ACE D 1 -13.43 -13.28 -2.90
N ARG D 2 -11.17 -13.01 -3.61
CA ARG D 2 -9.77 -12.58 -3.52
C ARG D 2 -9.62 -11.07 -3.58
N HIS D 3 -8.98 -10.50 -2.57
CA HIS D 3 -8.71 -9.06 -2.53
C HIS D 3 -7.22 -8.79 -2.71
OH ALY D 4 -4.53 -7.37 -10.16
CH ALY D 4 -5.10 -8.13 -9.34
CH3 ALY D 4 -6.26 -9.00 -9.75
NZ ALY D 4 -4.69 -8.20 -8.02
CE ALY D 4 -3.61 -7.44 -7.48
CD ALY D 4 -4.04 -6.39 -6.44
CG ALY D 4 -4.94 -7.05 -5.41
CB ALY D 4 -5.03 -6.23 -4.14
CA ALY D 4 -5.50 -7.12 -2.97
N ALY D 4 -6.87 -7.54 -2.96
C ALY D 4 -5.20 -6.38 -1.67
O ALY D 4 -6.00 -5.63 -1.12
OH ALY D 5 -0.06 -6.41 7.11
CH ALY D 5 0.21 -7.47 6.50
CH3 ALY D 5 1.09 -8.52 7.11
NZ ALY D 5 -0.30 -7.72 5.23
CE ALY D 5 -1.16 -6.83 4.51
CD ALY D 5 -1.69 -7.43 3.20
CG ALY D 5 -2.44 -6.42 2.37
CB ALY D 5 -2.74 -7.00 1.01
CA ALY D 5 -3.59 -6.07 0.12
N ALY D 5 -4.00 -6.62 -1.15
C ALY D 5 -2.78 -4.80 -0.06
O ALY D 5 -2.91 -3.80 0.64
ZN ZN E . -1.54 7.88 -6.70
K K F . -4.78 13.98 -8.22
K K G . 0.86 27.31 -11.93
C1 GOL H . 17.04 19.98 -26.65
O1 GOL H . 15.77 19.35 -26.70
C2 GOL H . 17.27 20.60 -25.28
O2 GOL H . 16.30 20.12 -24.36
C3 GOL H . 18.66 20.20 -24.80
O3 GOL H . 18.77 18.80 -24.83
ZN ZN I . -1.80 -6.10 8.25
K K J . -6.21 -8.19 13.44
K K K . -11.31 -21.89 16.67
N MCM L . 3.48 4.14 0.40
CA MCM L . 3.33 2.79 0.43
C2 MCM L . 4.38 2.03 -0.06
C3 MCM L . 4.32 0.64 -0.05
C4 MCM L . 5.27 -1.51 -0.52
C5 MCM L . 4.15 -2.19 -0.03
C6 MCM L . 3.06 -1.50 0.49
C7 MCM L . 3.10 -0.02 0.49
C8 MCM L . 2.08 0.77 0.98
C9 MCM L . 2.20 2.15 0.95
C10 MCM L . 1.87 -2.24 1.03
O1 MCM L . 5.34 -0.13 -0.53
O2 MCM L . 6.23 -2.16 -0.97
N MCM M . -1.90 -4.86 -1.08
CA MCM M . -1.03 -3.88 -1.43
C2 MCM M . 0.17 -4.28 -2.00
C3 MCM M . 1.12 -3.35 -2.40
C4 MCM M . 3.24 -2.82 -3.36
C5 MCM M . 3.03 -1.44 -3.23
C6 MCM M . 1.85 -0.94 -2.68
C7 MCM M . 0.82 -1.92 -2.24
C8 MCM M . -0.39 -1.53 -1.69
C9 MCM M . -1.30 -2.51 -1.29
C10 MCM M . 1.62 0.53 -2.55
O1 MCM M . 2.31 -3.74 -2.95
O2 MCM M . 4.32 -3.23 -3.85
C1 GOL N . -9.63 -14.35 -0.22
O1 GOL N . -10.75 -14.26 0.64
C2 GOL N . -8.36 -14.35 0.62
O2 GOL N . -7.39 -15.19 0.01
C3 GOL N . -7.82 -12.93 0.74
O3 GOL N . -7.72 -12.35 -0.55
#